data_1S63
#
_entry.id   1S63
#
_cell.length_a   178.247
_cell.length_b   178.247
_cell.length_c   64.518
_cell.angle_alpha   90.00
_cell.angle_beta   90.00
_cell.angle_gamma   120.00
#
_symmetry.space_group_name_H-M   'P 61'
#
loop_
_entity.id
_entity.type
_entity.pdbx_description
1 polymer 'Protein farnesyltransferase/geranylgeranyltransferase type I alpha subunit'
2 polymer 'Protein farnesyltransferase beta subunit'
3 branched beta-D-fructofuranose-(2-1)-alpha-D-glucopyranose
4 non-polymer 'ZINC ION'
5 non-polymer 'FARNESYL DIPHOSPHATE'
6 non-polymer 4-[(5-{[4-(3-CHLOROPHENYL)-3-OXOPIPERAZIN-1-YL]METHYL}-1H-IMIDAZOL-1-YL)METHYL]BENZONITRILE
7 water water
#
loop_
_entity_poly.entity_id
_entity_poly.type
_entity_poly.pdbx_seq_one_letter_code
_entity_poly.pdbx_strand_id
1 'polypeptide(L)'
;MAATEGVGEAAQGGEPGQPAQPPPQPHPPPPQQQHKEEMAAEAGEAVASPMDDGFVSLDSPSYVLYRDRAEWADIDPVPQ
NDGPNPVVQIIYSDKFRDVYDYFRAVLQRDERSERAFKLTRDAIELNAANYTVWHFRRVLLKSLQKDLHEEMNYITAIIE
EQPKNYQVWHHRRVLVEWLRDPSQELEFIADILNQDAKNYHAWQHRQWVIQEFKLWDNELQYVDQLLKEDVRNNSVWNQR
YFVISNTTGYNDRAVLEREVQYTLEMIKLVPHNESAWNYLKGILQDRGLSKYPNLLNQLLDLQPSHSSPYLIAFLVDIYE
DMLENQCDNKEDILNKALELCEILAKEKDTIRKEYWRYIGRSLQSKHSTENDSPTNVQQEEF
;
A
2 'polypeptide(L)'
;MASPSSFTYYCPPSSSPVWSEPLYSLRPEHARERLQDDSVETVTSIEQAKVEEKIQEVFSSYKFNHLVPRLVLQREKHFH
YLKRGLRQLTDAYECLDASRPWLCYWILHSLELLDEPIPQIVATDVCQFLELCQSPEGGFGGGPGQYPHLAPTYAAVNAL
CIIGTEEAYDIINREKLLQYLYSLKQPDGSFLMHVGGEVDVRSAYCAASVASLTNIITPDLFEGTAEWIARCQNWEGGIG
GVPGMEAHGGYTFCGLAALVILKRERSLNLKSLLQWVTSRQMRFEGGFQGRCNKLVDGCYSFWQAGLLPLLHRALHAQGD
PALSMSHWMFHQQALQEYILMCCQCPAGGLLDKPGKSRDFYHTCYCLSGLSIAQHFGSGAMLHDVVLGVPENALQPTHPV
YNIGPDKVIQATTYFLQKPVPGFEELKDETSAEPATD
;
B
#
loop_
_chem_comp.id
_chem_comp.type
_chem_comp.name
_chem_comp.formula
778 non-polymer 4-[(5-{[4-(3-CHLOROPHENYL)-3-OXOPIPERAZIN-1-YL]METHYL}-1H-IMIDAZOL-1-YL)METHYL]BENZONITRILE 'C22 H20 Cl N5 O'
FPP non-polymer 'FARNESYL DIPHOSPHATE' 'C15 H28 O7 P2'
FRU D-saccharide, beta linking beta-D-fructofuranose 'C6 H12 O6'
GLC D-saccharide, alpha linking alpha-D-glucopyranose 'C6 H12 O6'
ZN non-polymer 'ZINC ION' 'Zn 2'
#
# COMPACT_ATOMS: atom_id res chain seq x y z
N PHE A 55 -21.06 2.18 -30.92
CA PHE A 55 -21.29 3.09 -32.07
C PHE A 55 -19.98 3.75 -32.48
N VAL A 56 -19.75 4.98 -32.03
CA VAL A 56 -18.51 5.67 -32.35
C VAL A 56 -17.67 5.86 -31.09
N SER A 57 -16.41 5.45 -31.19
CA SER A 57 -15.46 5.57 -30.10
C SER A 57 -14.90 7.01 -30.07
N LEU A 58 -14.34 7.40 -28.93
CA LEU A 58 -13.76 8.74 -28.76
C LEU A 58 -12.67 9.08 -29.76
N ASP A 59 -11.98 8.07 -30.28
CA ASP A 59 -10.91 8.30 -31.24
C ASP A 59 -11.35 8.10 -32.69
N SER A 60 -12.57 7.62 -32.90
CA SER A 60 -13.08 7.37 -34.23
C SER A 60 -13.07 8.64 -35.08
N PRO A 61 -12.75 8.54 -36.38
CA PRO A 61 -12.74 9.74 -37.21
C PRO A 61 -14.08 10.47 -37.29
N SER A 62 -15.19 9.72 -37.17
CA SER A 62 -16.50 10.34 -37.24
C SER A 62 -17.09 10.71 -35.89
N TYR A 63 -16.29 10.67 -34.82
CA TYR A 63 -16.81 11.02 -33.50
C TYR A 63 -17.30 12.48 -33.50
N VAL A 64 -18.44 12.71 -32.88
CA VAL A 64 -19.02 14.03 -32.78
C VAL A 64 -19.21 14.34 -31.29
N LEU A 65 -18.91 15.57 -30.88
CA LEU A 65 -19.08 15.96 -29.49
C LEU A 65 -20.57 15.95 -29.16
N TYR A 66 -20.89 15.60 -27.92
CA TYR A 66 -22.27 15.55 -27.48
C TYR A 66 -23.03 16.87 -27.67
N ARG A 67 -22.34 17.99 -27.56
CA ARG A 67 -23.01 19.28 -27.72
C ARG A 67 -23.46 19.52 -29.18
N ASP A 68 -22.95 18.69 -30.09
CA ASP A 68 -23.26 18.79 -31.52
C ASP A 68 -24.18 17.69 -32.01
N ARG A 69 -24.58 16.77 -31.14
CA ARG A 69 -25.45 15.66 -31.52
C ARG A 69 -26.93 16.02 -31.44
N ALA A 70 -27.64 15.89 -32.55
CA ALA A 70 -29.06 16.22 -32.60
C ALA A 70 -29.88 15.43 -31.59
N GLU A 71 -29.53 14.17 -31.39
CA GLU A 71 -30.25 13.31 -30.46
C GLU A 71 -30.03 13.67 -28.98
N TRP A 72 -29.17 14.65 -28.73
CA TRP A 72 -28.89 15.09 -27.36
C TRP A 72 -29.31 16.55 -27.18
N ALA A 73 -29.82 17.17 -28.24
CA ALA A 73 -30.21 18.58 -28.20
C ALA A 73 -31.25 18.96 -27.14
N ASP A 74 -32.11 18.01 -26.78
CA ASP A 74 -33.16 18.27 -25.81
C ASP A 74 -32.69 18.34 -24.36
N ILE A 75 -31.45 18.01 -24.08
CA ILE A 75 -30.97 18.03 -22.71
C ILE A 75 -29.82 19.02 -22.57
N ASP A 76 -29.87 19.85 -21.52
CA ASP A 76 -28.82 20.84 -21.30
C ASP A 76 -27.67 20.25 -20.51
N PRO A 77 -26.45 20.47 -20.97
CA PRO A 77 -25.27 19.95 -20.26
C PRO A 77 -25.15 20.65 -18.91
N VAL A 78 -24.58 19.95 -17.93
CA VAL A 78 -24.39 20.53 -16.60
C VAL A 78 -22.89 20.68 -16.34
N PRO A 79 -22.38 21.93 -16.42
CA PRO A 79 -20.95 22.16 -16.18
C PRO A 79 -20.55 21.85 -14.74
N GLN A 80 -19.29 21.51 -14.53
CA GLN A 80 -18.78 21.20 -13.20
C GLN A 80 -18.66 22.46 -12.37
N ASN A 81 -19.15 22.41 -11.14
CA ASN A 81 -19.08 23.57 -10.25
C ASN A 81 -17.82 23.47 -9.40
N ASP A 82 -16.75 24.11 -9.85
CA ASP A 82 -15.47 24.10 -9.14
C ASP A 82 -15.28 25.26 -8.15
N GLY A 83 -16.22 26.21 -8.15
CA GLY A 83 -16.09 27.34 -7.27
C GLY A 83 -15.41 28.50 -7.98
N PRO A 84 -15.53 29.73 -7.46
CA PRO A 84 -14.93 30.92 -8.07
C PRO A 84 -13.41 30.94 -8.14
N ASN A 85 -12.73 30.36 -7.16
CA ASN A 85 -11.26 30.33 -7.14
C ASN A 85 -10.84 28.89 -6.97
N PRO A 86 -10.87 28.12 -8.06
CA PRO A 86 -10.51 26.70 -8.06
C PRO A 86 -9.10 26.28 -7.63
N VAL A 87 -9.03 25.09 -7.05
CA VAL A 87 -7.77 24.50 -6.62
C VAL A 87 -7.74 23.15 -7.32
N VAL A 88 -6.52 22.62 -7.50
CA VAL A 88 -6.27 21.35 -8.19
C VAL A 88 -7.17 21.22 -9.42
N GLN A 89 -7.26 22.34 -10.15
CA GLN A 89 -8.08 22.45 -11.33
C GLN A 89 -7.42 21.83 -12.55
N ILE A 90 -8.05 20.78 -13.06
CA ILE A 90 -7.54 20.07 -14.22
C ILE A 90 -8.01 20.77 -15.49
N ILE A 91 -7.06 21.11 -16.35
CA ILE A 91 -7.40 21.76 -17.61
C ILE A 91 -7.80 20.64 -18.57
N TYR A 92 -9.08 20.28 -18.56
CA TYR A 92 -9.60 19.20 -19.38
C TYR A 92 -9.61 19.50 -20.87
N SER A 93 -9.47 18.44 -21.66
CA SER A 93 -9.52 18.54 -23.10
C SER A 93 -10.98 18.88 -23.40
N ASP A 94 -11.25 19.35 -24.60
CA ASP A 94 -12.61 19.69 -24.98
C ASP A 94 -13.50 18.43 -24.98
N LYS A 95 -12.97 17.33 -25.49
CA LYS A 95 -13.71 16.07 -25.55
C LYS A 95 -14.06 15.53 -24.15
N PHE A 96 -13.12 15.64 -23.22
CA PHE A 96 -13.34 15.17 -21.86
C PHE A 96 -14.45 15.97 -21.21
N ARG A 97 -14.34 17.29 -21.21
CA ARG A 97 -15.33 18.13 -20.58
C ARG A 97 -16.71 17.95 -21.21
N ASP A 98 -16.74 17.81 -22.52
CA ASP A 98 -18.00 17.65 -23.23
C ASP A 98 -18.73 16.38 -22.74
N VAL A 99 -18.04 15.25 -22.69
CA VAL A 99 -18.66 14.02 -22.22
C VAL A 99 -19.15 14.18 -20.77
N TYR A 100 -18.29 14.72 -19.91
CA TYR A 100 -18.67 14.88 -18.49
C TYR A 100 -19.77 15.90 -18.21
N ASP A 101 -19.89 16.92 -19.06
CA ASP A 101 -20.96 17.90 -18.90
C ASP A 101 -22.31 17.20 -19.15
N TYR A 102 -22.33 16.28 -20.11
CA TYR A 102 -23.54 15.53 -20.42
C TYR A 102 -23.77 14.41 -19.43
N PHE A 103 -22.69 13.80 -18.93
CA PHE A 103 -22.86 12.75 -17.94
C PHE A 103 -23.48 13.39 -16.69
N ARG A 104 -22.98 14.56 -16.31
CA ARG A 104 -23.53 15.26 -15.16
C ARG A 104 -25.01 15.55 -15.36
N ALA A 105 -25.41 15.84 -16.60
CA ALA A 105 -26.82 16.13 -16.90
C ALA A 105 -27.70 14.89 -16.75
N VAL A 106 -27.28 13.75 -17.31
CA VAL A 106 -28.10 12.54 -17.19
C VAL A 106 -28.12 12.03 -15.76
N LEU A 107 -27.00 12.19 -15.04
CA LEU A 107 -26.92 11.76 -13.65
C LEU A 107 -27.89 12.58 -12.83
N GLN A 108 -27.86 13.89 -13.04
CA GLN A 108 -28.71 14.81 -12.30
C GLN A 108 -30.20 14.54 -12.54
N ARG A 109 -30.56 14.18 -13.77
CA ARG A 109 -31.95 13.88 -14.10
C ARG A 109 -32.28 12.41 -13.85
N ASP A 110 -31.27 11.62 -13.49
CA ASP A 110 -31.43 10.19 -13.27
C ASP A 110 -32.11 9.56 -14.50
N GLU A 111 -31.62 9.94 -15.68
CA GLU A 111 -32.16 9.42 -16.91
C GLU A 111 -31.67 8.01 -17.22
N ARG A 112 -32.58 7.05 -17.12
CA ARG A 112 -32.26 5.65 -17.38
C ARG A 112 -32.56 5.36 -18.85
N SER A 113 -31.72 5.86 -19.74
CA SER A 113 -31.95 5.65 -21.15
C SER A 113 -30.81 4.94 -21.87
N GLU A 114 -31.09 4.49 -23.08
CA GLU A 114 -30.09 3.85 -23.87
C GLU A 114 -29.00 4.87 -24.22
N ARG A 115 -29.40 6.13 -24.45
CA ARG A 115 -28.39 7.14 -24.79
C ARG A 115 -27.46 7.39 -23.62
N ALA A 116 -28.02 7.40 -22.43
CA ALA A 116 -27.22 7.61 -21.22
C ALA A 116 -26.27 6.41 -21.05
N PHE A 117 -26.77 5.21 -21.37
CA PHE A 117 -25.97 4.00 -21.27
C PHE A 117 -24.75 4.07 -22.19
N LYS A 118 -24.96 4.46 -23.45
CA LYS A 118 -23.85 4.57 -24.39
C LYS A 118 -22.86 5.66 -23.95
N LEU A 119 -23.39 6.74 -23.37
CA LEU A 119 -22.57 7.85 -22.89
C LEU A 119 -21.59 7.37 -21.80
N THR A 120 -22.04 6.51 -20.90
CA THR A 120 -21.15 6.02 -19.84
C THR A 120 -19.93 5.31 -20.43
N ARG A 121 -20.09 4.68 -21.59
CA ARG A 121 -18.96 4.01 -22.22
C ARG A 121 -17.88 5.03 -22.56
N ASP A 122 -18.30 6.21 -23.02
CA ASP A 122 -17.33 7.25 -23.38
C ASP A 122 -16.71 7.87 -22.13
N ALA A 123 -17.52 8.05 -21.08
CA ALA A 123 -17.03 8.61 -19.84
C ALA A 123 -15.96 7.70 -19.27
N ILE A 124 -16.22 6.39 -19.35
CA ILE A 124 -15.28 5.39 -18.87
C ILE A 124 -13.96 5.40 -19.66
N GLU A 125 -14.04 5.54 -20.98
CA GLU A 125 -12.80 5.57 -21.76
C GLU A 125 -11.96 6.76 -21.34
N LEU A 126 -12.63 7.87 -21.03
CA LEU A 126 -11.97 9.11 -20.60
C LEU A 126 -11.34 9.00 -19.22
N ASN A 127 -12.01 8.28 -18.33
CA ASN A 127 -11.48 8.06 -16.98
C ASN A 127 -12.10 6.79 -16.41
N ALA A 128 -11.42 5.66 -16.61
CA ALA A 128 -11.94 4.39 -16.14
C ALA A 128 -11.97 4.28 -14.62
N ALA A 129 -11.36 5.23 -13.91
CA ALA A 129 -11.35 5.21 -12.44
C ALA A 129 -12.52 6.00 -11.87
N ASN A 130 -13.39 6.55 -12.73
CA ASN A 130 -14.52 7.31 -12.21
C ASN A 130 -15.59 6.31 -11.76
N TYR A 131 -15.60 6.04 -10.46
CA TYR A 131 -16.53 5.09 -9.85
C TYR A 131 -18.01 5.51 -9.93
N THR A 132 -18.27 6.81 -10.01
CA THR A 132 -19.63 7.30 -10.11
C THR A 132 -20.22 6.86 -11.45
N VAL A 133 -19.42 6.94 -12.52
CA VAL A 133 -19.86 6.53 -13.84
C VAL A 133 -20.16 5.03 -13.85
N TRP A 134 -19.22 4.24 -13.34
CA TRP A 134 -19.40 2.79 -13.27
C TRP A 134 -20.66 2.40 -12.52
N HIS A 135 -20.91 3.06 -11.39
CA HIS A 135 -22.11 2.78 -10.59
C HIS A 135 -23.37 3.08 -11.42
N PHE A 136 -23.39 4.25 -12.03
CA PHE A 136 -24.53 4.64 -12.84
C PHE A 136 -24.72 3.64 -13.99
N ARG A 137 -23.62 3.20 -14.59
CA ARG A 137 -23.69 2.23 -15.68
C ARG A 137 -24.38 0.95 -15.19
N ARG A 138 -24.07 0.53 -13.97
CA ARG A 138 -24.69 -0.67 -13.41
C ARG A 138 -26.17 -0.44 -13.15
N VAL A 139 -26.53 0.76 -12.73
CA VAL A 139 -27.94 1.10 -12.51
C VAL A 139 -28.69 0.98 -13.86
N LEU A 140 -28.05 1.42 -14.93
CA LEU A 140 -28.63 1.35 -16.27
C LEU A 140 -28.69 -0.08 -16.80
N LEU A 141 -27.66 -0.88 -16.52
CA LEU A 141 -27.65 -2.28 -16.95
C LEU A 141 -28.91 -2.99 -16.44
N LYS A 142 -29.26 -2.69 -15.19
CA LYS A 142 -30.45 -3.29 -14.59
C LYS A 142 -31.74 -2.66 -15.13
N SER A 143 -31.86 -1.34 -15.07
CA SER A 143 -33.07 -0.66 -15.56
C SER A 143 -33.40 -1.02 -17.01
N LEU A 144 -32.40 -0.94 -17.89
CA LEU A 144 -32.59 -1.22 -19.30
C LEU A 144 -32.59 -2.70 -19.60
N GLN A 145 -32.35 -3.52 -18.57
CA GLN A 145 -32.28 -4.98 -18.72
C GLN A 145 -31.31 -5.36 -19.84
N LYS A 146 -30.13 -4.78 -19.82
CA LYS A 146 -29.12 -5.04 -20.83
C LYS A 146 -28.61 -6.48 -20.78
N ASP A 147 -28.21 -7.02 -21.93
CA ASP A 147 -27.69 -8.36 -21.99
C ASP A 147 -26.34 -8.41 -21.26
N LEU A 148 -26.29 -9.16 -20.16
CA LEU A 148 -25.08 -9.25 -19.36
C LEU A 148 -23.90 -9.95 -20.02
N HIS A 149 -24.15 -10.84 -20.96
CA HIS A 149 -23.05 -11.52 -21.64
C HIS A 149 -22.36 -10.56 -22.58
N GLU A 150 -23.13 -9.61 -23.10
CA GLU A 150 -22.61 -8.59 -23.98
C GLU A 150 -21.73 -7.68 -23.10
N GLU A 151 -22.20 -7.40 -21.89
CA GLU A 151 -21.47 -6.55 -20.95
C GLU A 151 -20.18 -7.24 -20.48
N MET A 152 -20.22 -8.56 -20.38
CA MET A 152 -19.03 -9.31 -20.01
C MET A 152 -17.96 -9.15 -21.09
N ASN A 153 -18.39 -9.14 -22.35
CA ASN A 153 -17.46 -8.97 -23.47
C ASN A 153 -16.83 -7.58 -23.39
N TYR A 154 -17.65 -6.60 -23.03
CA TYR A 154 -17.16 -5.24 -22.87
C TYR A 154 -16.10 -5.14 -21.75
N ILE A 155 -16.44 -5.65 -20.55
CA ILE A 155 -15.51 -5.56 -19.43
C ILE A 155 -14.22 -6.33 -19.67
N THR A 156 -14.32 -7.39 -20.48
CA THR A 156 -13.15 -8.20 -20.85
C THR A 156 -12.17 -7.32 -21.64
N ALA A 157 -12.70 -6.58 -22.61
CA ALA A 157 -11.87 -5.70 -23.43
C ALA A 157 -11.29 -4.56 -22.58
N ILE A 158 -12.10 -4.00 -21.68
CA ILE A 158 -11.64 -2.91 -20.84
C ILE A 158 -10.51 -3.33 -19.90
N ILE A 159 -10.68 -4.44 -19.20
CA ILE A 159 -9.66 -4.93 -18.29
C ILE A 159 -8.36 -5.22 -19.04
N GLU A 160 -8.46 -5.80 -20.24
CA GLU A 160 -7.26 -6.07 -21.03
C GLU A 160 -6.46 -4.78 -21.26
N GLU A 161 -7.15 -3.67 -21.53
CA GLU A 161 -6.48 -2.39 -21.75
C GLU A 161 -5.97 -1.75 -20.47
N GLN A 162 -6.76 -1.83 -19.40
CA GLN A 162 -6.39 -1.22 -18.13
C GLN A 162 -6.58 -2.22 -16.98
N PRO A 163 -5.67 -3.20 -16.86
CA PRO A 163 -5.78 -4.21 -15.80
C PRO A 163 -5.41 -3.76 -14.37
N LYS A 164 -4.80 -2.58 -14.22
CA LYS A 164 -4.42 -2.08 -12.90
C LYS A 164 -5.39 -0.97 -12.51
N ASN A 165 -6.59 -1.35 -12.15
CA ASN A 165 -7.65 -0.39 -11.83
C ASN A 165 -8.67 -1.15 -10.97
N TYR A 166 -9.15 -0.56 -9.89
CA TYR A 166 -10.10 -1.23 -9.01
C TYR A 166 -11.50 -1.37 -9.59
N GLN A 167 -11.98 -0.32 -10.24
CA GLN A 167 -13.33 -0.30 -10.78
C GLN A 167 -13.64 -1.35 -11.83
N VAL A 168 -12.72 -1.59 -12.76
CA VAL A 168 -12.97 -2.56 -13.81
C VAL A 168 -13.13 -3.98 -13.27
N TRP A 169 -12.28 -4.35 -12.32
CA TRP A 169 -12.36 -5.67 -11.73
C TRP A 169 -13.63 -5.81 -10.88
N HIS A 170 -13.99 -4.76 -10.15
CA HIS A 170 -15.19 -4.84 -9.35
C HIS A 170 -16.42 -5.01 -10.25
N HIS A 171 -16.44 -4.28 -11.36
CA HIS A 171 -17.56 -4.34 -12.30
C HIS A 171 -17.70 -5.77 -12.80
N ARG A 172 -16.58 -6.39 -13.17
CA ARG A 172 -16.58 -7.77 -13.63
C ARG A 172 -17.11 -8.72 -12.56
N ARG A 173 -16.69 -8.52 -11.32
CA ARG A 173 -17.17 -9.37 -10.25
C ARG A 173 -18.69 -9.25 -10.11
N VAL A 174 -19.21 -8.03 -10.18
CA VAL A 174 -20.67 -7.82 -10.08
C VAL A 174 -21.40 -8.58 -11.21
N LEU A 175 -20.84 -8.54 -12.42
CA LEU A 175 -21.44 -9.23 -13.56
C LEU A 175 -21.48 -10.73 -13.31
N VAL A 176 -20.38 -11.29 -12.82
CA VAL A 176 -20.31 -12.73 -12.55
C VAL A 176 -21.30 -13.10 -11.45
N GLU A 177 -21.45 -12.25 -10.44
CA GLU A 177 -22.41 -12.47 -9.35
C GLU A 177 -23.85 -12.43 -9.89
N TRP A 178 -24.12 -11.46 -10.76
CA TRP A 178 -25.44 -11.31 -11.34
C TRP A 178 -25.80 -12.51 -12.21
N LEU A 179 -24.84 -12.97 -12.99
CA LEU A 179 -25.07 -14.10 -13.87
C LEU A 179 -24.89 -15.44 -13.19
N ARG A 180 -24.16 -15.46 -12.07
CA ARG A 180 -23.85 -16.70 -11.36
C ARG A 180 -23.13 -17.61 -12.36
N ASP A 181 -22.35 -16.98 -13.25
CA ASP A 181 -21.63 -17.70 -14.30
C ASP A 181 -20.11 -17.40 -14.27
N PRO A 182 -19.33 -18.33 -13.72
CA PRO A 182 -17.87 -18.19 -13.62
C PRO A 182 -17.13 -18.93 -14.72
N SER A 183 -17.86 -19.44 -15.70
CA SER A 183 -17.27 -20.23 -16.76
C SER A 183 -16.14 -19.61 -17.56
N GLN A 184 -16.09 -18.29 -17.67
CA GLN A 184 -15.01 -17.65 -18.43
C GLN A 184 -13.88 -17.11 -17.56
N GLU A 185 -14.10 -17.09 -16.25
CA GLU A 185 -13.13 -16.51 -15.33
C GLU A 185 -11.70 -17.01 -15.29
N LEU A 186 -11.47 -18.29 -14.99
CA LEU A 186 -10.11 -18.79 -14.91
C LEU A 186 -9.30 -18.60 -16.17
N GLU A 187 -9.94 -18.76 -17.33
CA GLU A 187 -9.25 -18.58 -18.60
C GLU A 187 -8.93 -17.09 -18.83
N PHE A 188 -9.90 -16.22 -18.59
CA PHE A 188 -9.69 -14.78 -18.77
C PHE A 188 -8.57 -14.31 -17.83
N ILE A 189 -8.65 -14.69 -16.56
CA ILE A 189 -7.64 -14.27 -15.61
C ILE A 189 -6.25 -14.78 -16.02
N ALA A 190 -6.18 -16.05 -16.45
CA ALA A 190 -4.91 -16.61 -16.89
C ALA A 190 -4.30 -15.76 -18.01
N ASP A 191 -5.15 -15.17 -18.86
CA ASP A 191 -4.65 -14.34 -19.95
C ASP A 191 -4.05 -13.05 -19.41
N ILE A 192 -4.72 -12.45 -18.45
CA ILE A 192 -4.22 -11.22 -17.85
C ILE A 192 -2.88 -11.53 -17.16
N LEU A 193 -2.85 -12.63 -16.40
CA LEU A 193 -1.63 -13.04 -15.69
C LEU A 193 -0.54 -13.43 -16.67
N ASN A 194 -0.94 -13.81 -17.87
CA ASN A 194 0.05 -14.15 -18.86
C ASN A 194 0.82 -12.89 -19.28
N GLN A 195 0.18 -11.73 -19.13
CA GLN A 195 0.81 -10.47 -19.48
C GLN A 195 1.54 -9.83 -18.31
N ASP A 196 1.02 -10.04 -17.10
CA ASP A 196 1.63 -9.52 -15.87
C ASP A 196 1.27 -10.57 -14.82
N ALA A 197 2.23 -11.46 -14.56
CA ALA A 197 2.03 -12.57 -13.65
C ALA A 197 1.80 -12.22 -12.18
N LYS A 198 1.90 -10.94 -11.85
CA LYS A 198 1.76 -10.52 -10.46
C LYS A 198 0.65 -9.50 -10.27
N ASN A 199 -0.18 -9.27 -11.29
CA ASN A 199 -1.27 -8.30 -11.15
C ASN A 199 -2.09 -8.62 -9.89
N TYR A 200 -2.08 -7.71 -8.92
CA TYR A 200 -2.76 -7.93 -7.65
C TYR A 200 -4.26 -8.13 -7.78
N HIS A 201 -4.89 -7.32 -8.62
CA HIS A 201 -6.35 -7.39 -8.83
C HIS A 201 -6.74 -8.71 -9.50
N ALA A 202 -5.90 -9.17 -10.42
CA ALA A 202 -6.14 -10.41 -11.13
C ALA A 202 -6.13 -11.60 -10.14
N TRP A 203 -5.11 -11.65 -9.30
CA TRP A 203 -5.02 -12.72 -8.31
C TRP A 203 -6.17 -12.66 -7.31
N GLN A 204 -6.52 -11.45 -6.88
CA GLN A 204 -7.62 -11.29 -5.92
C GLN A 204 -8.94 -11.75 -6.52
N HIS A 205 -9.18 -11.39 -7.78
CA HIS A 205 -10.39 -11.80 -8.46
C HIS A 205 -10.38 -13.33 -8.61
N ARG A 206 -9.22 -13.89 -8.91
CA ARG A 206 -9.07 -15.33 -9.08
C ARG A 206 -9.43 -16.06 -7.79
N GLN A 207 -8.95 -15.57 -6.65
CA GLN A 207 -9.27 -16.19 -5.37
C GLN A 207 -10.76 -16.15 -5.08
N TRP A 208 -11.37 -15.01 -5.38
CA TRP A 208 -12.80 -14.85 -5.16
C TRP A 208 -13.62 -15.87 -5.96
N VAL A 209 -13.35 -15.95 -7.26
CA VAL A 209 -14.07 -16.88 -8.15
C VAL A 209 -13.92 -18.34 -7.68
N ILE A 210 -12.68 -18.74 -7.41
CA ILE A 210 -12.39 -20.11 -6.98
C ILE A 210 -13.13 -20.44 -5.70
N GLN A 211 -13.07 -19.54 -4.73
CA GLN A 211 -13.73 -19.76 -3.46
C GLN A 211 -15.25 -19.70 -3.56
N GLU A 212 -15.77 -18.71 -4.27
CA GLU A 212 -17.21 -18.52 -4.43
C GLU A 212 -17.90 -19.62 -5.24
N PHE A 213 -17.25 -20.11 -6.29
CA PHE A 213 -17.84 -21.13 -7.13
C PHE A 213 -17.19 -22.50 -6.98
N LYS A 214 -16.35 -22.64 -5.95
CA LYS A 214 -15.65 -23.88 -5.63
C LYS A 214 -14.91 -24.46 -6.82
N LEU A 215 -14.07 -23.67 -7.46
CA LEU A 215 -13.30 -24.13 -8.61
C LEU A 215 -11.87 -24.47 -8.19
N TRP A 216 -11.72 -25.38 -7.23
CA TRP A 216 -10.41 -25.76 -6.71
C TRP A 216 -9.63 -26.79 -7.50
N ASP A 217 -10.36 -27.65 -8.19
CA ASP A 217 -9.78 -28.77 -8.94
C ASP A 217 -8.48 -28.65 -9.70
N ASN A 218 -8.27 -27.58 -10.47
CA ASN A 218 -7.05 -27.49 -11.25
C ASN A 218 -6.10 -26.39 -10.86
N GLU A 219 -6.36 -25.75 -9.73
CA GLU A 219 -5.53 -24.62 -9.34
C GLU A 219 -4.09 -24.97 -8.91
N LEU A 220 -3.88 -26.12 -8.27
CA LEU A 220 -2.53 -26.48 -7.86
C LEU A 220 -1.67 -26.72 -9.09
N GLN A 221 -2.27 -27.27 -10.14
CA GLN A 221 -1.53 -27.51 -11.39
C GLN A 221 -1.18 -26.16 -11.99
N TYR A 222 -2.10 -25.20 -11.92
CA TYR A 222 -1.86 -23.86 -12.46
C TYR A 222 -0.71 -23.19 -11.69
N VAL A 223 -0.75 -23.33 -10.37
CA VAL A 223 0.31 -22.81 -9.50
C VAL A 223 1.66 -23.44 -9.91
N ASP A 224 1.68 -24.77 -10.07
CA ASP A 224 2.90 -25.46 -10.47
C ASP A 224 3.46 -24.99 -11.81
N GLN A 225 2.58 -24.71 -12.76
CA GLN A 225 3.04 -24.24 -14.06
C GLN A 225 3.67 -22.86 -13.95
N LEU A 226 3.02 -21.96 -13.22
CA LEU A 226 3.54 -20.61 -13.01
C LEU A 226 4.82 -20.59 -12.18
N LEU A 227 4.98 -21.54 -11.25
CA LEU A 227 6.21 -21.60 -10.46
C LEU A 227 7.35 -22.09 -11.35
N LYS A 228 7.01 -22.92 -12.33
CA LYS A 228 8.02 -23.42 -13.26
C LYS A 228 8.47 -22.25 -14.13
N GLU A 229 7.54 -21.37 -14.48
CA GLU A 229 7.88 -20.21 -15.30
C GLU A 229 8.71 -19.17 -14.53
N ASP A 230 8.35 -18.92 -13.28
CA ASP A 230 9.09 -17.98 -12.45
C ASP A 230 8.90 -18.38 -11.00
N VAL A 231 9.89 -19.12 -10.50
CA VAL A 231 9.88 -19.62 -9.14
C VAL A 231 9.97 -18.48 -8.09
N ARG A 232 10.31 -17.29 -8.53
CA ARG A 232 10.40 -16.14 -7.62
C ARG A 232 9.08 -15.37 -7.56
N ASN A 233 8.05 -15.86 -8.24
CA ASN A 233 6.77 -15.14 -8.25
C ASN A 233 6.03 -15.33 -6.93
N ASN A 234 6.18 -14.34 -6.05
CA ASN A 234 5.55 -14.41 -4.73
C ASN A 234 4.03 -14.54 -4.76
N SER A 235 3.39 -13.98 -5.78
CA SER A 235 1.93 -14.08 -5.91
C SER A 235 1.51 -15.55 -6.09
N VAL A 236 2.36 -16.34 -6.75
CA VAL A 236 2.08 -17.75 -6.99
C VAL A 236 2.28 -18.58 -5.73
N TRP A 237 3.31 -18.29 -4.94
CA TRP A 237 3.53 -18.98 -3.68
C TRP A 237 2.34 -18.67 -2.77
N ASN A 238 1.84 -17.44 -2.83
CA ASN A 238 0.69 -17.08 -2.02
C ASN A 238 -0.53 -17.90 -2.46
N GLN A 239 -0.70 -18.07 -3.77
CA GLN A 239 -1.83 -18.86 -4.29
C GLN A 239 -1.68 -20.32 -3.86
N ARG A 240 -0.45 -20.81 -3.81
CA ARG A 240 -0.19 -22.18 -3.40
C ARG A 240 -0.73 -22.36 -1.97
N TYR A 241 -0.43 -21.42 -1.09
CA TYR A 241 -0.92 -21.51 0.28
C TYR A 241 -2.45 -21.44 0.28
N PHE A 242 -2.99 -20.55 -0.53
CA PHE A 242 -4.43 -20.37 -0.61
C PHE A 242 -5.12 -21.67 -1.02
N VAL A 243 -4.60 -22.32 -2.05
CA VAL A 243 -5.18 -23.57 -2.54
C VAL A 243 -5.11 -24.69 -1.50
N ILE A 244 -3.93 -24.95 -0.95
CA ILE A 244 -3.76 -26.04 0.02
C ILE A 244 -4.52 -25.86 1.32
N SER A 245 -4.43 -24.67 1.92
CA SER A 245 -5.14 -24.43 3.17
C SER A 245 -6.65 -24.60 3.02
N ASN A 246 -7.17 -24.31 1.84
CA ASN A 246 -8.60 -24.41 1.57
C ASN A 246 -9.09 -25.76 1.05
N THR A 247 -8.17 -26.64 0.68
CA THR A 247 -8.56 -27.94 0.18
C THR A 247 -8.21 -29.03 1.21
N THR A 248 -6.99 -29.56 1.14
CA THR A 248 -6.54 -30.60 2.06
C THR A 248 -6.15 -30.06 3.42
N GLY A 249 -5.70 -28.81 3.45
CA GLY A 249 -5.22 -28.22 4.69
C GLY A 249 -3.79 -28.71 4.83
N TYR A 250 -3.11 -28.27 5.88
CA TYR A 250 -1.71 -28.66 6.14
C TYR A 250 -1.58 -29.59 7.34
N ASN A 251 -2.70 -29.95 7.95
CA ASN A 251 -2.68 -30.85 9.12
C ASN A 251 -2.40 -32.28 8.71
N ASP A 252 -2.69 -32.60 7.46
CA ASP A 252 -2.42 -33.92 6.91
C ASP A 252 -0.90 -33.98 6.82
N ARG A 253 -0.26 -34.82 7.63
CA ARG A 253 1.19 -34.93 7.63
C ARG A 253 1.80 -35.31 6.29
N ALA A 254 1.05 -36.05 5.48
CA ALA A 254 1.53 -36.42 4.15
C ALA A 254 1.58 -35.17 3.27
N VAL A 255 0.56 -34.31 3.37
CA VAL A 255 0.53 -33.08 2.59
C VAL A 255 1.67 -32.16 3.04
N LEU A 256 1.83 -32.01 4.36
CA LEU A 256 2.89 -31.14 4.88
C LEU A 256 4.27 -31.61 4.44
N GLU A 257 4.49 -32.93 4.48
CA GLU A 257 5.78 -33.47 4.07
C GLU A 257 6.03 -33.20 2.58
N ARG A 258 5.00 -33.41 1.77
CA ARG A 258 5.11 -33.14 0.33
C ARG A 258 5.51 -31.67 0.14
N GLU A 259 4.86 -30.79 0.88
CA GLU A 259 5.12 -29.35 0.78
C GLU A 259 6.51 -28.96 1.26
N VAL A 260 6.95 -29.55 2.37
CA VAL A 260 8.27 -29.24 2.88
C VAL A 260 9.34 -29.73 1.90
N GLN A 261 9.18 -30.94 1.37
CA GLN A 261 10.14 -31.48 0.40
C GLN A 261 10.20 -30.61 -0.86
N TYR A 262 9.04 -30.29 -1.41
CA TYR A 262 8.94 -29.46 -2.60
C TYR A 262 9.67 -28.12 -2.39
N THR A 263 9.38 -27.48 -1.27
CA THR A 263 9.99 -26.18 -0.97
C THR A 263 11.50 -26.29 -0.78
N LEU A 264 11.96 -27.33 -0.10
CA LEU A 264 13.39 -27.53 0.11
C LEU A 264 14.06 -27.75 -1.25
N GLU A 265 13.36 -28.44 -2.14
CA GLU A 265 13.89 -28.66 -3.47
C GLU A 265 14.05 -27.33 -4.21
N MET A 266 13.05 -26.47 -4.09
CA MET A 266 13.11 -25.17 -4.76
C MET A 266 14.26 -24.33 -4.18
N ILE A 267 14.45 -24.40 -2.86
CA ILE A 267 15.52 -23.66 -2.20
C ILE A 267 16.89 -24.13 -2.71
N LYS A 268 17.05 -25.43 -2.90
CA LYS A 268 18.33 -25.94 -3.39
C LYS A 268 18.59 -25.48 -4.82
N LEU A 269 17.54 -25.37 -5.60
CA LEU A 269 17.65 -24.91 -6.99
C LEU A 269 18.02 -23.44 -7.06
N VAL A 270 17.38 -22.62 -6.23
CA VAL A 270 17.60 -21.18 -6.19
C VAL A 270 17.68 -20.75 -4.70
N PRO A 271 18.85 -20.99 -4.05
CA PRO A 271 19.10 -20.66 -2.64
C PRO A 271 18.80 -19.22 -2.17
N HIS A 272 18.88 -18.25 -3.07
CA HIS A 272 18.63 -16.85 -2.72
C HIS A 272 17.23 -16.34 -3.06
N ASN A 273 16.32 -17.25 -3.42
CA ASN A 273 14.94 -16.86 -3.74
C ASN A 273 14.22 -16.77 -2.40
N GLU A 274 13.93 -15.56 -1.96
CA GLU A 274 13.26 -15.37 -0.68
C GLU A 274 11.86 -15.97 -0.55
N SER A 275 11.07 -16.02 -1.63
CA SER A 275 9.71 -16.56 -1.57
C SER A 275 9.62 -17.99 -1.02
N ALA A 276 10.49 -18.88 -1.52
CA ALA A 276 10.52 -20.27 -1.08
C ALA A 276 10.84 -20.34 0.41
N TRP A 277 11.83 -19.55 0.85
CA TRP A 277 12.19 -19.51 2.27
C TRP A 277 11.00 -19.05 3.12
N ASN A 278 10.30 -18.04 2.65
CA ASN A 278 9.15 -17.49 3.38
C ASN A 278 8.00 -18.49 3.45
N TYR A 279 7.82 -19.28 2.39
CA TYR A 279 6.75 -20.26 2.35
C TYR A 279 7.08 -21.40 3.32
N LEU A 280 8.36 -21.79 3.35
CA LEU A 280 8.79 -22.84 4.26
C LEU A 280 8.45 -22.43 5.70
N LYS A 281 8.80 -21.21 6.08
CA LYS A 281 8.48 -20.76 7.43
C LYS A 281 6.97 -20.63 7.62
N GLY A 282 6.30 -20.11 6.60
CA GLY A 282 4.86 -19.92 6.65
C GLY A 282 4.05 -21.18 6.94
N ILE A 283 4.43 -22.31 6.35
CA ILE A 283 3.71 -23.57 6.57
C ILE A 283 4.09 -24.31 7.85
N LEU A 284 5.15 -23.86 8.53
CA LEU A 284 5.60 -24.50 9.77
C LEU A 284 5.50 -23.63 11.00
N GLN A 285 5.41 -22.31 10.81
CA GLN A 285 5.40 -21.39 11.95
C GLN A 285 4.31 -21.54 12.99
N ASP A 286 3.10 -21.89 12.59
CA ASP A 286 2.02 -21.99 13.55
C ASP A 286 2.19 -23.12 14.54
N ARG A 287 2.72 -24.25 14.09
CA ARG A 287 2.95 -25.38 14.99
C ARG A 287 4.21 -25.10 15.79
N GLY A 288 5.13 -24.33 15.21
CA GLY A 288 6.37 -24.00 15.88
C GLY A 288 7.54 -24.62 15.14
N LEU A 289 8.49 -23.79 14.73
CA LEU A 289 9.67 -24.27 14.01
C LEU A 289 10.49 -25.32 14.77
N SER A 290 10.49 -25.27 16.10
CA SER A 290 11.25 -26.23 16.89
C SER A 290 10.63 -27.62 16.91
N LYS A 291 9.40 -27.74 16.41
CA LYS A 291 8.70 -29.03 16.39
C LYS A 291 9.19 -29.94 15.27
N TYR A 292 10.07 -29.41 14.43
CA TYR A 292 10.60 -30.17 13.29
C TYR A 292 12.12 -30.32 13.44
N PRO A 293 12.56 -31.21 14.36
CA PRO A 293 13.98 -31.45 14.60
C PRO A 293 14.85 -31.80 13.40
N ASN A 294 14.32 -32.55 12.44
CA ASN A 294 15.12 -32.91 11.27
C ASN A 294 15.42 -31.72 10.39
N LEU A 295 14.52 -30.73 10.38
CA LEU A 295 14.71 -29.54 9.57
C LEU A 295 15.97 -28.78 9.99
N LEU A 296 16.16 -28.64 11.30
CA LEU A 296 17.33 -27.95 11.83
C LEU A 296 18.62 -28.60 11.32
N ASN A 297 18.67 -29.93 11.41
CA ASN A 297 19.84 -30.69 10.96
C ASN A 297 20.09 -30.49 9.48
N GLN A 298 19.03 -30.61 8.69
CA GLN A 298 19.17 -30.45 7.26
C GLN A 298 19.71 -29.07 6.91
N LEU A 299 19.19 -28.03 7.54
CA LEU A 299 19.64 -26.67 7.28
C LEU A 299 21.08 -26.49 7.76
N LEU A 300 21.40 -27.09 8.89
CA LEU A 300 22.75 -27.02 9.45
C LEU A 300 23.79 -27.61 8.47
N ASP A 301 23.45 -28.71 7.82
CA ASP A 301 24.35 -29.34 6.86
C ASP A 301 24.57 -28.42 5.66
N LEU A 302 23.51 -27.76 5.24
CA LEU A 302 23.56 -26.84 4.11
C LEU A 302 24.32 -25.55 4.40
N GLN A 303 24.39 -25.17 5.67
CA GLN A 303 25.02 -23.92 6.08
C GLN A 303 26.42 -23.60 5.54
N PRO A 304 27.41 -24.48 5.77
CA PRO A 304 28.75 -24.17 5.26
C PRO A 304 28.78 -23.85 3.75
N SER A 305 28.08 -24.65 2.95
CA SER A 305 28.05 -24.43 1.52
C SER A 305 26.98 -23.43 1.03
N HIS A 306 26.05 -23.05 1.91
CA HIS A 306 24.97 -22.12 1.51
C HIS A 306 24.61 -21.09 2.57
N SER A 307 25.59 -20.54 3.30
CA SER A 307 25.29 -19.54 4.34
C SER A 307 24.69 -18.22 3.84
N SER A 308 23.45 -18.27 3.34
CA SER A 308 22.78 -17.08 2.86
C SER A 308 22.10 -16.44 4.07
N PRO A 309 21.77 -15.14 3.98
CA PRO A 309 21.12 -14.53 5.14
C PRO A 309 19.78 -15.22 5.43
N TYR A 310 19.18 -15.82 4.40
CA TYR A 310 17.89 -16.51 4.56
C TYR A 310 18.03 -17.75 5.43
N LEU A 311 19.08 -18.54 5.16
CA LEU A 311 19.33 -19.74 5.93
C LEU A 311 19.69 -19.40 7.38
N ILE A 312 20.60 -18.43 7.55
CA ILE A 312 21.05 -18.00 8.87
C ILE A 312 19.86 -17.46 9.68
N ALA A 313 19.00 -16.67 9.02
CA ALA A 313 17.83 -16.08 9.68
C ALA A 313 16.87 -17.21 10.09
N PHE A 314 16.71 -18.20 9.22
CA PHE A 314 15.83 -19.32 9.52
C PHE A 314 16.36 -20.07 10.75
N LEU A 315 17.67 -20.22 10.87
CA LEU A 315 18.24 -20.89 12.04
C LEU A 315 17.90 -20.12 13.32
N VAL A 316 17.99 -18.79 13.28
CA VAL A 316 17.68 -17.99 14.45
C VAL A 316 16.22 -18.20 14.81
N ASP A 317 15.35 -18.20 13.79
CA ASP A 317 13.91 -18.42 14.01
C ASP A 317 13.69 -19.76 14.70
N ILE A 318 14.43 -20.79 14.28
CA ILE A 318 14.31 -22.11 14.90
C ILE A 318 14.76 -22.03 16.37
N TYR A 319 15.92 -21.41 16.60
CA TYR A 319 16.44 -21.28 17.95
C TYR A 319 15.49 -20.52 18.84
N GLU A 320 14.87 -19.47 18.30
CA GLU A 320 13.91 -18.69 19.07
C GLU A 320 12.80 -19.58 19.60
N ASP A 321 12.23 -20.38 18.70
CA ASP A 321 11.14 -21.26 19.08
C ASP A 321 11.58 -22.36 20.05
N MET A 322 12.80 -22.88 19.86
CA MET A 322 13.33 -23.91 20.74
C MET A 322 13.38 -23.39 22.16
N LEU A 323 13.92 -22.18 22.33
CA LEU A 323 14.04 -21.55 23.63
C LEU A 323 12.69 -21.27 24.26
N GLU A 324 11.69 -21.03 23.41
CA GLU A 324 10.34 -20.74 23.87
C GLU A 324 9.67 -22.02 24.36
N ASN A 325 10.19 -23.16 23.92
CA ASN A 325 9.62 -24.45 24.28
C ASN A 325 10.44 -25.34 25.19
N GLN A 326 11.12 -24.73 26.16
CA GLN A 326 11.92 -25.48 27.12
C GLN A 326 12.80 -26.55 26.49
N CYS A 327 13.61 -26.14 25.53
CA CYS A 327 14.51 -27.08 24.87
C CYS A 327 15.62 -27.46 25.84
N ASP A 328 16.28 -28.56 25.54
CA ASP A 328 17.39 -29.00 26.35
C ASP A 328 18.59 -28.22 25.82
N ASN A 329 19.56 -27.95 26.68
CA ASN A 329 20.76 -27.20 26.29
C ASN A 329 20.43 -25.74 26.03
N LYS A 330 19.60 -25.16 26.89
CA LYS A 330 19.18 -23.76 26.77
C LYS A 330 20.33 -22.77 26.56
N GLU A 331 21.32 -22.80 27.45
CA GLU A 331 22.46 -21.91 27.37
C GLU A 331 23.18 -22.04 26.03
N ASP A 332 23.32 -23.27 25.55
CA ASP A 332 23.99 -23.55 24.29
C ASP A 332 23.23 -22.95 23.09
N ILE A 333 21.91 -23.17 23.07
CA ILE A 333 21.04 -22.68 22.00
C ILE A 333 21.02 -21.16 22.02
N LEU A 334 20.94 -20.58 23.22
CA LEU A 334 20.93 -19.14 23.38
C LEU A 334 22.25 -18.55 22.85
N ASN A 335 23.38 -19.16 23.20
CA ASN A 335 24.67 -18.67 22.70
C ASN A 335 24.73 -18.72 21.18
N LYS A 336 24.24 -19.82 20.60
CA LYS A 336 24.23 -19.99 19.16
C LYS A 336 23.35 -18.94 18.47
N ALA A 337 22.19 -18.70 19.07
CA ALA A 337 21.26 -17.72 18.52
C ALA A 337 21.86 -16.31 18.57
N LEU A 338 22.47 -15.95 19.70
CA LEU A 338 23.08 -14.62 19.82
C LEU A 338 24.26 -14.45 18.86
N GLU A 339 25.05 -15.49 18.64
CA GLU A 339 26.17 -15.42 17.70
C GLU A 339 25.63 -15.12 16.30
N LEU A 340 24.57 -15.85 15.92
CA LEU A 340 23.96 -15.66 14.61
C LEU A 340 23.36 -14.26 14.45
N CYS A 341 22.69 -13.76 15.49
CA CYS A 341 22.13 -12.40 15.44
C CYS A 341 23.24 -11.37 15.18
N GLU A 342 24.40 -11.57 15.81
CA GLU A 342 25.56 -10.68 15.66
C GLU A 342 26.08 -10.76 14.21
N ILE A 343 26.20 -11.99 13.70
CA ILE A 343 26.67 -12.18 12.33
C ILE A 343 25.73 -11.52 11.33
N LEU A 344 24.44 -11.66 11.57
CA LEU A 344 23.45 -11.07 10.69
C LEU A 344 23.50 -9.54 10.77
N ALA A 345 23.59 -9.01 11.98
CA ALA A 345 23.64 -7.56 12.17
C ALA A 345 24.88 -6.87 11.61
N LYS A 346 26.02 -7.53 11.79
CA LYS A 346 27.31 -6.98 11.39
C LYS A 346 27.80 -7.35 10.00
N GLU A 347 27.43 -8.51 9.50
CA GLU A 347 27.97 -8.95 8.22
C GLU A 347 27.00 -9.41 7.13
N LYS A 348 26.18 -10.40 7.48
CA LYS A 348 25.28 -11.05 6.54
C LYS A 348 23.96 -10.36 6.19
N ASP A 349 23.46 -9.48 7.05
CA ASP A 349 22.17 -8.84 6.78
C ASP A 349 22.12 -7.50 7.51
N THR A 350 23.14 -6.69 7.24
CA THR A 350 23.30 -5.40 7.88
C THR A 350 22.14 -4.43 7.66
N ILE A 351 21.39 -4.56 6.56
CA ILE A 351 20.27 -3.65 6.35
C ILE A 351 19.26 -3.82 7.50
N ARG A 352 19.27 -4.99 8.12
CA ARG A 352 18.37 -5.30 9.22
C ARG A 352 19.09 -5.33 10.56
N LYS A 353 20.20 -4.60 10.69
CA LYS A 353 20.93 -4.61 11.92
C LYS A 353 20.07 -4.21 13.13
N GLU A 354 19.19 -3.22 12.99
CA GLU A 354 18.34 -2.81 14.11
C GLU A 354 17.41 -3.93 14.52
N TYR A 355 16.88 -4.65 13.54
CA TYR A 355 16.00 -5.75 13.84
C TYR A 355 16.77 -6.88 14.54
N TRP A 356 17.93 -7.26 14.01
CA TRP A 356 18.74 -8.36 14.61
C TRP A 356 19.22 -8.05 16.00
N ARG A 357 19.57 -6.79 16.24
CA ARG A 357 20.00 -6.37 17.57
C ARG A 357 18.81 -6.45 18.52
N TYR A 358 17.62 -6.13 18.03
CA TYR A 358 16.43 -6.21 18.86
C TYR A 358 16.18 -7.69 19.20
N ILE A 359 16.31 -8.57 18.22
CA ILE A 359 16.11 -10.01 18.45
C ILE A 359 17.11 -10.49 19.50
N GLY A 360 18.35 -10.02 19.43
CA GLY A 360 19.36 -10.41 20.41
C GLY A 360 18.95 -9.99 21.82
N ARG A 361 18.50 -8.76 21.96
CA ARG A 361 18.06 -8.28 23.27
C ARG A 361 16.80 -9.04 23.75
N SER A 362 15.87 -9.37 22.84
CA SER A 362 14.65 -10.09 23.21
C SER A 362 15.01 -11.45 23.77
N LEU A 363 15.85 -12.15 23.04
CA LEU A 363 16.30 -13.48 23.45
C LEU A 363 16.88 -13.44 24.86
N GLN A 364 17.67 -12.41 25.17
CA GLN A 364 18.25 -12.30 26.51
C GLN A 364 17.24 -11.93 27.58
N SER A 365 16.23 -11.14 27.22
CA SER A 365 15.20 -10.75 28.19
C SER A 365 14.30 -11.93 28.53
N LYS A 366 14.19 -12.87 27.60
CA LYS A 366 13.35 -14.03 27.80
C LYS A 366 14.01 -15.32 28.28
N HIS A 367 15.30 -15.51 28.00
CA HIS A 367 15.93 -16.79 28.35
C HIS A 367 17.28 -16.80 29.04
N SER A 368 17.70 -15.69 29.64
CA SER A 368 19.03 -15.71 30.27
C SER A 368 19.20 -16.56 31.54
N THR A 369 18.17 -16.63 32.39
CA THR A 369 18.17 -17.46 33.62
C THR A 369 19.49 -17.53 34.42
N SER B 15 37.25 12.60 13.30
CA SER B 15 36.27 11.97 12.36
C SER B 15 36.36 12.64 10.98
N SER B 16 35.22 12.97 10.38
CA SER B 16 35.19 13.61 9.06
C SER B 16 35.05 15.12 9.16
N PRO B 17 35.53 15.84 8.14
CA PRO B 17 35.38 17.30 8.17
C PRO B 17 33.87 17.47 7.96
N VAL B 18 33.27 18.58 8.39
CA VAL B 18 31.83 18.75 8.24
C VAL B 18 31.32 18.71 6.81
N TRP B 19 32.21 18.91 5.83
CA TRP B 19 31.81 18.93 4.43
C TRP B 19 31.83 17.60 3.70
N SER B 20 32.12 16.52 4.40
CA SER B 20 32.09 15.21 3.79
C SER B 20 31.35 14.31 4.76
N GLU B 21 30.42 13.51 4.24
CA GLU B 21 29.67 12.62 5.10
C GLU B 21 29.57 11.25 4.44
N PRO B 22 30.31 10.27 4.98
CA PRO B 22 30.34 8.91 4.47
C PRO B 22 28.93 8.33 4.38
N LEU B 23 28.66 7.56 3.33
CA LEU B 23 27.34 6.97 3.13
C LEU B 23 27.37 5.44 3.16
N TYR B 24 26.34 4.87 3.77
CA TYR B 24 26.20 3.43 3.88
C TYR B 24 26.20 2.77 2.49
N SER B 25 25.49 3.37 1.56
CA SER B 25 25.37 2.84 0.20
C SER B 25 26.65 2.92 -0.61
N LEU B 26 27.62 3.70 -0.12
CA LEU B 26 28.89 3.87 -0.82
C LEU B 26 30.06 3.10 -0.22
N ARG B 27 29.81 2.37 0.86
CA ARG B 27 30.86 1.57 1.50
C ARG B 27 31.29 0.50 0.51
N PRO B 28 32.58 0.10 0.53
CA PRO B 28 33.02 -0.93 -0.41
C PRO B 28 32.29 -2.26 -0.25
N GLU B 29 31.91 -2.61 0.99
CA GLU B 29 31.21 -3.87 1.24
C GLU B 29 29.80 -3.85 0.64
N HIS B 30 29.30 -2.67 0.33
CA HIS B 30 27.95 -2.58 -0.20
C HIS B 30 27.78 -3.32 -1.51
N ALA B 31 28.85 -3.43 -2.29
CA ALA B 31 28.79 -4.16 -3.55
C ALA B 31 28.38 -5.62 -3.33
N ARG B 32 28.68 -6.15 -2.14
CA ARG B 32 28.33 -7.52 -1.80
C ARG B 32 26.82 -7.74 -1.73
N GLU B 33 26.08 -6.65 -1.61
CA GLU B 33 24.62 -6.72 -1.48
C GLU B 33 23.86 -6.85 -2.80
N ARG B 34 24.57 -6.89 -3.92
CA ARG B 34 23.92 -7.02 -5.21
C ARG B 34 23.26 -8.38 -5.27
N LEU B 35 22.23 -8.46 -6.09
CA LEU B 35 21.45 -9.68 -6.26
C LEU B 35 22.28 -10.90 -6.64
N GLN B 36 22.00 -12.03 -5.99
CA GLN B 36 22.65 -13.28 -6.35
C GLN B 36 21.54 -14.10 -6.96
N ASP B 37 21.54 -14.24 -8.28
CA ASP B 37 20.49 -14.98 -8.98
C ASP B 37 20.69 -16.48 -9.10
N ASP B 38 21.74 -17.00 -8.46
CA ASP B 38 22.05 -18.43 -8.46
C ASP B 38 22.15 -19.01 -9.87
N SER B 39 22.43 -18.16 -10.84
CA SER B 39 22.53 -18.57 -12.24
C SER B 39 21.21 -19.10 -12.79
N VAL B 40 20.10 -18.75 -12.14
CA VAL B 40 18.77 -19.16 -12.59
C VAL B 40 18.02 -17.86 -12.82
N GLU B 41 17.92 -17.46 -14.08
CA GLU B 41 17.25 -16.21 -14.43
C GLU B 41 15.78 -16.37 -14.69
N THR B 42 14.98 -15.47 -14.15
CA THR B 42 13.54 -15.48 -14.38
C THR B 42 13.20 -14.00 -14.53
N VAL B 43 11.98 -13.71 -14.97
CA VAL B 43 11.56 -12.32 -15.14
C VAL B 43 11.84 -11.50 -13.88
N THR B 44 11.57 -12.08 -12.72
CA THR B 44 11.81 -11.38 -11.45
C THR B 44 13.27 -10.94 -11.26
N SER B 45 14.21 -11.87 -11.40
CA SER B 45 15.63 -11.54 -11.20
C SER B 45 16.15 -10.57 -12.25
N ILE B 46 15.67 -10.73 -13.49
CA ILE B 46 16.06 -9.85 -14.58
C ILE B 46 15.65 -8.41 -14.29
N GLU B 47 14.42 -8.22 -13.81
CA GLU B 47 13.96 -6.88 -13.49
C GLU B 47 14.71 -6.27 -12.29
N GLN B 48 14.93 -7.09 -11.28
CA GLN B 48 15.64 -6.65 -10.08
C GLN B 48 17.05 -6.20 -10.44
N ALA B 49 17.73 -7.01 -11.26
CA ALA B 49 19.09 -6.70 -11.69
C ALA B 49 19.14 -5.40 -12.49
N LYS B 50 18.14 -5.16 -13.34
CA LYS B 50 18.10 -3.92 -14.11
C LYS B 50 18.01 -2.71 -13.19
N VAL B 51 17.19 -2.80 -12.16
CA VAL B 51 17.03 -1.71 -11.21
C VAL B 51 18.34 -1.50 -10.43
N GLU B 52 18.94 -2.58 -9.95
CA GLU B 52 20.17 -2.45 -9.19
C GLU B 52 21.29 -1.82 -10.02
N GLU B 53 21.34 -2.16 -11.30
CA GLU B 53 22.36 -1.62 -12.20
C GLU B 53 22.23 -0.09 -12.28
N LYS B 54 21.01 0.38 -12.46
CA LYS B 54 20.75 1.82 -12.53
C LYS B 54 21.05 2.52 -11.20
N ILE B 55 20.62 1.91 -10.10
CA ILE B 55 20.84 2.49 -8.77
C ILE B 55 22.33 2.60 -8.46
N GLN B 56 23.13 1.60 -8.84
CA GLN B 56 24.57 1.67 -8.58
C GLN B 56 25.18 2.88 -9.29
N GLU B 57 24.75 3.13 -10.53
CA GLU B 57 25.24 4.28 -11.28
C GLU B 57 24.90 5.56 -10.53
N VAL B 58 23.68 5.64 -10.03
CA VAL B 58 23.26 6.82 -9.28
C VAL B 58 24.13 6.98 -8.02
N PHE B 59 24.26 5.92 -7.23
CA PHE B 59 25.07 5.95 -6.01
C PHE B 59 26.48 6.47 -6.32
N SER B 60 27.10 5.90 -7.36
CA SER B 60 28.45 6.28 -7.74
C SER B 60 28.62 7.75 -8.09
N SER B 61 27.56 8.37 -8.61
CA SER B 61 27.63 9.77 -8.99
C SER B 61 27.71 10.73 -7.80
N TYR B 62 27.45 10.21 -6.59
CA TYR B 62 27.53 11.03 -5.38
C TYR B 62 28.84 10.85 -4.63
N LYS B 63 29.74 10.04 -5.18
CA LYS B 63 31.02 9.76 -4.54
C LYS B 63 32.16 10.24 -5.43
N PHE B 64 33.15 10.89 -4.82
CA PHE B 64 34.32 11.40 -5.53
C PHE B 64 35.49 10.89 -4.73
N ASN B 65 35.75 9.59 -4.83
CA ASN B 65 36.79 8.92 -4.07
C ASN B 65 36.49 9.16 -2.59
N HIS B 66 37.41 9.76 -1.85
CA HIS B 66 37.16 9.97 -0.42
C HIS B 66 36.31 11.20 -0.12
N LEU B 67 35.98 11.98 -1.16
CA LEU B 67 35.14 13.16 -0.96
C LEU B 67 33.68 12.73 -1.18
N VAL B 68 32.84 12.87 -0.16
CA VAL B 68 31.43 12.50 -0.28
C VAL B 68 30.61 13.68 0.24
N PRO B 69 30.30 14.63 -0.64
CA PRO B 69 29.53 15.83 -0.28
C PRO B 69 28.18 15.49 0.37
N ARG B 70 27.74 16.31 1.32
CA ARG B 70 26.48 16.09 2.00
C ARG B 70 25.30 16.08 1.04
N LEU B 71 24.33 15.19 1.27
CA LEU B 71 23.15 15.09 0.42
C LEU B 71 22.24 16.28 0.69
N VAL B 72 21.52 16.72 -0.34
CA VAL B 72 20.63 17.86 -0.23
C VAL B 72 19.21 17.60 -0.75
N LEU B 73 18.22 17.89 0.10
CA LEU B 73 16.81 17.79 -0.27
C LEU B 73 16.53 19.11 -1.01
N GLN B 74 16.13 19.04 -2.28
CA GLN B 74 15.87 20.24 -3.07
C GLN B 74 14.53 20.91 -2.73
N ARG B 75 14.44 21.39 -1.50
CA ARG B 75 13.23 22.03 -0.97
C ARG B 75 12.56 23.04 -1.86
N GLU B 76 13.31 24.05 -2.30
CA GLU B 76 12.76 25.10 -3.14
C GLU B 76 12.17 24.62 -4.45
N LYS B 77 12.82 23.66 -5.09
CA LYS B 77 12.29 23.11 -6.34
C LYS B 77 11.00 22.31 -6.02
N HIS B 78 11.01 21.52 -4.95
CA HIS B 78 9.81 20.76 -4.59
C HIS B 78 8.69 21.75 -4.26
N PHE B 79 9.01 22.78 -3.49
CA PHE B 79 8.02 23.80 -3.11
C PHE B 79 7.35 24.45 -4.35
N HIS B 80 8.15 24.83 -5.34
CA HIS B 80 7.58 25.45 -6.52
C HIS B 80 6.69 24.53 -7.34
N TYR B 81 7.05 23.25 -7.39
CA TYR B 81 6.26 22.25 -8.10
C TYR B 81 4.92 22.06 -7.38
N LEU B 82 4.96 21.97 -6.06
CA LEU B 82 3.77 21.79 -5.23
C LEU B 82 2.83 22.99 -5.29
N LYS B 83 3.39 24.19 -5.15
CA LYS B 83 2.64 25.44 -5.18
C LYS B 83 1.84 25.57 -6.49
N ARG B 84 2.48 25.22 -7.60
CA ARG B 84 1.85 25.27 -8.91
C ARG B 84 0.72 24.23 -9.02
N GLY B 85 0.99 23.00 -8.56
CA GLY B 85 -0.01 21.94 -8.61
C GLY B 85 -1.27 22.20 -7.79
N LEU B 86 -1.13 22.95 -6.70
CA LEU B 86 -2.27 23.24 -5.84
C LEU B 86 -3.34 24.09 -6.55
N ARG B 87 -2.96 24.83 -7.59
CA ARG B 87 -3.96 25.62 -8.31
C ARG B 87 -4.40 24.99 -9.62
N GLN B 88 -3.43 24.55 -10.41
CA GLN B 88 -3.77 24.04 -11.72
C GLN B 88 -2.98 22.82 -12.16
N LEU B 89 -3.61 22.00 -12.99
CA LEU B 89 -2.98 20.77 -13.48
C LEU B 89 -3.27 20.59 -14.96
N THR B 90 -2.37 19.92 -15.67
CA THR B 90 -2.54 19.68 -17.10
C THR B 90 -3.54 18.55 -17.29
N ASP B 91 -4.01 18.34 -18.52
CA ASP B 91 -4.96 17.27 -18.78
C ASP B 91 -4.37 15.89 -18.54
N ALA B 92 -3.08 15.85 -18.20
CA ALA B 92 -2.43 14.59 -17.89
C ALA B 92 -3.03 14.10 -16.57
N TYR B 93 -3.72 15.00 -15.88
CA TYR B 93 -4.35 14.65 -14.62
C TYR B 93 -5.83 14.28 -14.74
N GLU B 94 -6.31 14.10 -15.97
CA GLU B 94 -7.69 13.71 -16.17
C GLU B 94 -7.96 12.33 -15.54
N CYS B 95 -6.90 11.51 -15.43
CA CYS B 95 -7.00 10.18 -14.82
C CYS B 95 -7.23 10.24 -13.32
N LEU B 96 -7.04 11.42 -12.74
CA LEU B 96 -7.24 11.63 -11.30
C LEU B 96 -8.42 12.57 -11.04
N ASP B 97 -9.30 12.69 -12.03
CA ASP B 97 -10.48 13.55 -11.92
C ASP B 97 -11.48 13.04 -10.84
N ALA B 98 -11.34 11.77 -10.46
CA ALA B 98 -12.18 11.17 -9.43
C ALA B 98 -11.38 11.02 -8.13
N SER B 99 -10.29 11.77 -8.01
CA SER B 99 -9.42 11.75 -6.83
C SER B 99 -8.89 13.15 -6.49
N ARG B 100 -9.65 14.19 -6.78
CA ARG B 100 -9.17 15.53 -6.50
C ARG B 100 -8.84 15.85 -5.03
N PRO B 101 -9.61 15.30 -4.07
CA PRO B 101 -9.24 15.61 -2.67
C PRO B 101 -7.88 14.98 -2.35
N TRP B 102 -7.51 13.94 -3.09
CA TRP B 102 -6.21 13.30 -2.91
C TRP B 102 -5.12 14.27 -3.34
N LEU B 103 -5.34 14.95 -4.45
CA LEU B 103 -4.37 15.93 -4.92
C LEU B 103 -4.21 17.02 -3.85
N CYS B 104 -5.31 17.44 -3.24
CA CYS B 104 -5.23 18.46 -2.19
C CYS B 104 -4.41 17.94 -1.02
N TYR B 105 -4.72 16.73 -0.55
CA TYR B 105 -4.01 16.13 0.58
C TYR B 105 -2.52 15.90 0.29
N TRP B 106 -2.21 15.25 -0.83
CA TRP B 106 -0.83 14.99 -1.20
C TRP B 106 0.00 16.30 -1.22
N ILE B 107 -0.56 17.33 -1.85
CA ILE B 107 0.14 18.62 -1.95
C ILE B 107 0.25 19.35 -0.61
N LEU B 108 -0.85 19.47 0.11
CA LEU B 108 -0.83 20.14 1.42
C LEU B 108 0.09 19.43 2.41
N HIS B 109 0.04 18.11 2.45
CA HIS B 109 0.89 17.36 3.36
C HIS B 109 2.37 17.54 3.01
N SER B 110 2.68 17.56 1.72
CA SER B 110 4.06 17.75 1.29
C SER B 110 4.55 19.16 1.71
N LEU B 111 3.71 20.18 1.50
CA LEU B 111 4.06 21.54 1.89
C LEU B 111 4.23 21.62 3.40
N GLU B 112 3.39 20.89 4.11
CA GLU B 112 3.43 20.84 5.56
C GLU B 112 4.77 20.19 6.02
N LEU B 113 5.16 19.10 5.38
CA LEU B 113 6.42 18.43 5.73
C LEU B 113 7.62 19.36 5.49
N LEU B 114 7.53 20.13 4.41
CA LEU B 114 8.57 21.09 4.01
C LEU B 114 8.52 22.39 4.80
N ASP B 115 7.57 22.49 5.73
CA ASP B 115 7.39 23.69 6.56
C ASP B 115 7.14 24.95 5.72
N GLU B 116 6.33 24.80 4.66
CA GLU B 116 5.99 25.92 3.78
C GLU B 116 4.55 26.29 4.17
N PRO B 117 4.36 27.49 4.73
CA PRO B 117 3.00 27.89 5.12
C PRO B 117 2.01 28.01 3.97
N ILE B 118 0.75 27.78 4.31
CA ILE B 118 -0.34 27.85 3.34
C ILE B 118 -0.95 29.24 3.51
N PRO B 119 -0.87 30.07 2.46
CA PRO B 119 -1.45 31.41 2.56
C PRO B 119 -2.94 31.28 2.90
N GLN B 120 -3.48 32.21 3.68
CA GLN B 120 -4.90 32.15 4.06
C GLN B 120 -5.88 32.02 2.85
N ILE B 121 -5.59 32.75 1.77
CA ILE B 121 -6.42 32.71 0.57
C ILE B 121 -6.51 31.30 0.00
N VAL B 122 -5.35 30.68 -0.10
CA VAL B 122 -5.25 29.32 -0.62
C VAL B 122 -6.00 28.35 0.32
N ALA B 123 -5.82 28.54 1.62
CA ALA B 123 -6.46 27.69 2.62
C ALA B 123 -7.98 27.77 2.49
N THR B 124 -8.48 28.99 2.32
CA THR B 124 -9.92 29.22 2.18
C THR B 124 -10.45 28.59 0.90
N ASP B 125 -9.71 28.76 -0.20
CA ASP B 125 -10.11 28.17 -1.48
C ASP B 125 -10.16 26.65 -1.38
N VAL B 126 -9.18 26.06 -0.72
CA VAL B 126 -9.15 24.59 -0.57
C VAL B 126 -10.39 24.16 0.21
N CYS B 127 -10.69 24.87 1.30
CA CYS B 127 -11.88 24.57 2.10
C CYS B 127 -13.15 24.63 1.24
N GLN B 128 -13.29 25.69 0.44
CA GLN B 128 -14.47 25.84 -0.42
C GLN B 128 -14.58 24.70 -1.41
N PHE B 129 -13.46 24.33 -2.03
CA PHE B 129 -13.45 23.24 -2.99
C PHE B 129 -13.87 21.93 -2.31
N LEU B 130 -13.30 21.63 -1.15
CA LEU B 130 -13.64 20.40 -0.46
C LEU B 130 -15.12 20.39 -0.05
N GLU B 131 -15.66 21.57 0.22
CA GLU B 131 -17.08 21.67 0.56
C GLU B 131 -17.91 21.24 -0.66
N LEU B 132 -17.46 21.65 -1.84
CA LEU B 132 -18.15 21.29 -3.09
C LEU B 132 -18.07 19.79 -3.37
N CYS B 133 -17.04 19.12 -2.85
CA CYS B 133 -16.88 17.69 -3.07
C CYS B 133 -17.69 16.87 -2.05
N GLN B 134 -18.12 17.51 -0.96
CA GLN B 134 -18.86 16.79 0.06
C GLN B 134 -20.25 16.44 -0.40
N SER B 135 -20.62 15.18 -0.22
CA SER B 135 -21.93 14.71 -0.64
C SER B 135 -23.01 14.98 0.39
N PRO B 136 -24.24 15.25 -0.08
CA PRO B 136 -25.33 15.50 0.87
C PRO B 136 -25.64 14.22 1.68
N GLU B 137 -25.24 13.06 1.18
CA GLU B 137 -25.45 11.80 1.91
C GLU B 137 -24.33 11.57 2.93
N GLY B 138 -23.32 12.45 2.94
CA GLY B 138 -22.20 12.30 3.86
C GLY B 138 -20.97 11.79 3.10
N GLY B 139 -19.79 12.10 3.63
CA GLY B 139 -18.57 11.69 2.95
C GLY B 139 -18.23 12.67 1.83
N PHE B 140 -17.10 12.45 1.18
CA PHE B 140 -16.64 13.30 0.08
C PHE B 140 -16.42 12.45 -1.16
N GLY B 141 -16.71 13.04 -2.33
CA GLY B 141 -16.49 12.36 -3.60
C GLY B 141 -15.19 12.84 -4.23
N GLY B 142 -14.84 12.27 -5.38
CA GLY B 142 -13.60 12.63 -6.05
C GLY B 142 -13.56 14.01 -6.71
N GLY B 143 -14.72 14.68 -6.74
CA GLY B 143 -14.84 15.99 -7.33
C GLY B 143 -16.28 16.44 -7.10
N PRO B 144 -16.63 17.70 -7.43
CA PRO B 144 -17.99 18.19 -7.22
C PRO B 144 -19.06 17.36 -7.95
N GLY B 145 -20.06 16.92 -7.20
CA GLY B 145 -21.14 16.14 -7.79
C GLY B 145 -20.91 14.65 -7.88
N GLN B 146 -19.71 14.19 -7.52
CA GLN B 146 -19.45 12.75 -7.56
C GLN B 146 -19.99 12.08 -6.30
N TYR B 147 -20.33 10.80 -6.40
CA TYR B 147 -20.81 10.07 -5.23
C TYR B 147 -19.66 10.03 -4.21
N PRO B 148 -19.98 9.90 -2.91
CA PRO B 148 -18.90 9.86 -1.91
C PRO B 148 -18.15 8.51 -2.01
N HIS B 149 -16.91 8.49 -1.54
CA HIS B 149 -16.09 7.28 -1.61
C HIS B 149 -15.13 7.43 -0.43
N LEU B 150 -14.83 6.34 0.27
CA LEU B 150 -13.95 6.41 1.44
C LEU B 150 -12.55 6.94 1.19
N ALA B 151 -11.98 6.68 0.01
CA ALA B 151 -10.62 7.17 -0.30
C ALA B 151 -10.60 8.71 -0.33
N PRO B 152 -11.39 9.36 -1.23
CA PRO B 152 -11.33 10.83 -1.19
C PRO B 152 -11.87 11.42 0.14
N THR B 153 -12.71 10.67 0.86
CA THR B 153 -13.24 11.13 2.15
C THR B 153 -12.05 11.21 3.12
N TYR B 154 -11.24 10.15 3.16
CA TYR B 154 -10.04 10.12 3.98
C TYR B 154 -9.13 11.32 3.63
N ALA B 155 -8.89 11.52 2.33
CA ALA B 155 -8.03 12.60 1.84
C ALA B 155 -8.57 13.97 2.20
N ALA B 156 -9.86 14.18 1.98
CA ALA B 156 -10.48 15.47 2.28
C ALA B 156 -10.39 15.81 3.76
N VAL B 157 -10.66 14.84 4.62
CA VAL B 157 -10.61 15.05 6.05
C VAL B 157 -9.17 15.39 6.48
N ASN B 158 -8.19 14.63 5.98
CA ASN B 158 -6.79 14.91 6.31
C ASN B 158 -6.38 16.32 5.84
N ALA B 159 -6.79 16.70 4.63
CA ALA B 159 -6.48 18.03 4.08
C ALA B 159 -7.05 19.12 4.97
N LEU B 160 -8.32 18.97 5.35
CA LEU B 160 -8.98 19.93 6.22
C LEU B 160 -8.26 20.03 7.56
N CYS B 161 -7.78 18.90 8.07
CA CYS B 161 -7.05 18.90 9.35
C CYS B 161 -5.68 19.55 9.21
N ILE B 162 -5.04 19.39 8.05
CA ILE B 162 -3.75 20.04 7.82
C ILE B 162 -3.97 21.57 7.85
N ILE B 163 -5.04 22.05 7.22
CA ILE B 163 -5.36 23.49 7.24
C ILE B 163 -5.60 23.86 8.71
N GLY B 164 -6.38 23.05 9.41
CA GLY B 164 -6.59 23.23 10.83
C GLY B 164 -7.29 24.46 11.38
N THR B 165 -8.03 25.17 10.56
CA THR B 165 -8.75 26.34 11.04
C THR B 165 -10.16 25.87 11.39
N GLU B 166 -10.88 26.67 12.17
CA GLU B 166 -12.26 26.29 12.52
C GLU B 166 -13.08 26.26 11.24
N GLU B 167 -12.73 27.11 10.27
CA GLU B 167 -13.41 27.14 8.99
C GLU B 167 -13.28 25.75 8.35
N ALA B 168 -12.06 25.21 8.35
CA ALA B 168 -11.79 23.90 7.77
C ALA B 168 -12.51 22.77 8.51
N TYR B 169 -12.42 22.77 9.84
CA TYR B 169 -13.07 21.74 10.66
C TYR B 169 -14.58 21.71 10.47
N ASP B 170 -15.17 22.89 10.45
CA ASP B 170 -16.62 23.01 10.33
C ASP B 170 -17.25 22.61 8.99
N ILE B 171 -16.43 22.47 7.96
CA ILE B 171 -16.95 22.06 6.67
C ILE B 171 -17.48 20.62 6.76
N ILE B 172 -16.86 19.80 7.59
CA ILE B 172 -17.29 18.41 7.69
C ILE B 172 -18.68 18.26 8.29
N ASN B 173 -19.58 17.62 7.56
CA ASN B 173 -20.91 17.35 8.08
C ASN B 173 -20.75 16.00 8.81
N ARG B 174 -20.55 16.09 10.11
CA ARG B 174 -20.32 14.93 10.95
C ARG B 174 -21.47 13.95 11.08
N GLU B 175 -22.69 14.48 11.16
CA GLU B 175 -23.89 13.65 11.29
C GLU B 175 -24.04 12.77 10.07
N LYS B 176 -23.91 13.36 8.88
CA LYS B 176 -24.03 12.61 7.63
C LYS B 176 -22.81 11.72 7.41
N LEU B 177 -21.63 12.16 7.86
CA LEU B 177 -20.44 11.34 7.71
C LEU B 177 -20.64 10.02 8.47
N LEU B 178 -21.14 10.09 9.71
CA LEU B 178 -21.36 8.86 10.48
C LEU B 178 -22.40 7.97 9.81
N GLN B 179 -23.49 8.56 9.31
CA GLN B 179 -24.52 7.79 8.63
C GLN B 179 -23.93 7.11 7.40
N TYR B 180 -23.08 7.85 6.67
CA TYR B 180 -22.42 7.32 5.50
C TYR B 180 -21.55 6.11 5.88
N LEU B 181 -20.77 6.21 6.95
CA LEU B 181 -19.95 5.07 7.35
C LEU B 181 -20.83 3.86 7.64
N TYR B 182 -21.96 4.08 8.33
CA TYR B 182 -22.89 2.99 8.63
C TYR B 182 -23.40 2.36 7.34
N SER B 183 -23.64 3.19 6.32
CA SER B 183 -24.17 2.71 5.03
C SER B 183 -23.20 1.83 4.27
N LEU B 184 -21.94 1.80 4.70
CA LEU B 184 -20.90 1.00 4.06
C LEU B 184 -20.45 -0.22 4.90
N LYS B 185 -20.84 -0.26 6.17
CA LYS B 185 -20.46 -1.32 7.10
C LYS B 185 -21.10 -2.66 6.78
N GLN B 186 -20.27 -3.69 6.64
CA GLN B 186 -20.70 -5.06 6.34
C GLN B 186 -20.79 -5.87 7.63
N PRO B 187 -21.66 -6.89 7.67
CA PRO B 187 -21.77 -7.68 8.90
C PRO B 187 -20.49 -8.43 9.31
N ASP B 188 -19.61 -8.73 8.37
CA ASP B 188 -18.37 -9.43 8.71
C ASP B 188 -17.28 -8.51 9.27
N GLY B 189 -17.61 -7.23 9.45
CA GLY B 189 -16.65 -6.27 9.99
C GLY B 189 -15.97 -5.39 8.95
N SER B 190 -16.06 -5.74 7.68
CA SER B 190 -15.43 -4.95 6.62
C SER B 190 -16.31 -3.78 6.21
N PHE B 191 -15.78 -2.90 5.36
CA PHE B 191 -16.50 -1.74 4.84
C PHE B 191 -16.35 -1.72 3.34
N LEU B 192 -17.40 -1.29 2.64
CA LEU B 192 -17.33 -1.14 1.19
C LEU B 192 -16.56 0.17 1.01
N MET B 193 -15.88 0.35 -0.12
CA MET B 193 -15.17 1.61 -0.37
C MET B 193 -16.18 2.72 -0.69
N HIS B 194 -17.32 2.32 -1.25
CA HIS B 194 -18.41 3.22 -1.62
C HIS B 194 -19.64 2.37 -1.87
N VAL B 195 -20.80 3.00 -2.00
CA VAL B 195 -22.06 2.28 -2.22
C VAL B 195 -21.96 1.44 -3.49
N GLY B 196 -22.25 0.15 -3.35
CA GLY B 196 -22.15 -0.75 -4.49
C GLY B 196 -20.69 -0.95 -4.91
N GLY B 197 -19.75 -0.67 -4.01
CA GLY B 197 -18.34 -0.80 -4.31
C GLY B 197 -17.65 -2.02 -3.75
N GLU B 198 -16.34 -2.09 -3.98
CA GLU B 198 -15.48 -3.19 -3.54
C GLU B 198 -15.02 -3.06 -2.09
N VAL B 199 -14.68 -4.18 -1.47
CA VAL B 199 -14.15 -4.10 -0.11
C VAL B 199 -12.72 -4.63 -0.07
N ASP B 200 -11.88 -3.94 0.69
CA ASP B 200 -10.50 -4.33 0.94
C ASP B 200 -10.05 -3.55 2.17
N VAL B 201 -8.90 -3.88 2.74
CA VAL B 201 -8.43 -3.23 3.97
C VAL B 201 -8.34 -1.70 3.93
N ARG B 202 -8.21 -1.11 2.74
CA ARG B 202 -8.16 0.35 2.65
C ARG B 202 -9.39 0.99 3.28
N SER B 203 -10.57 0.39 3.05
CA SER B 203 -11.81 0.96 3.58
C SER B 203 -11.84 1.06 5.11
N ALA B 204 -11.35 0.01 5.77
CA ALA B 204 -11.32 -0.02 7.22
C ALA B 204 -10.45 1.12 7.77
N TYR B 205 -9.31 1.33 7.12
CA TYR B 205 -8.40 2.40 7.55
C TYR B 205 -9.02 3.77 7.27
N CYS B 206 -9.59 3.96 6.09
CA CYS B 206 -10.22 5.24 5.74
C CYS B 206 -11.32 5.56 6.76
N ALA B 207 -12.16 4.58 7.07
CA ALA B 207 -13.25 4.74 8.03
C ALA B 207 -12.73 5.06 9.44
N ALA B 208 -11.78 4.26 9.93
CA ALA B 208 -11.22 4.45 11.26
C ALA B 208 -10.51 5.80 11.38
N SER B 209 -9.79 6.20 10.33
CA SER B 209 -9.08 7.48 10.35
C SER B 209 -10.04 8.66 10.49
N VAL B 210 -10.99 8.78 9.56
CA VAL B 210 -11.91 9.91 9.62
C VAL B 210 -12.80 9.89 10.87
N ALA B 211 -13.24 8.69 11.29
CA ALA B 211 -14.11 8.57 12.46
C ALA B 211 -13.43 9.00 13.75
N SER B 212 -12.17 8.59 13.94
CA SER B 212 -11.45 8.95 15.16
C SER B 212 -11.11 10.44 15.15
N LEU B 213 -10.60 10.96 14.04
CA LEU B 213 -10.27 12.38 13.97
C LEU B 213 -11.49 13.27 14.24
N THR B 214 -12.64 12.91 13.70
CA THR B 214 -13.84 13.73 13.88
C THR B 214 -14.72 13.37 15.06
N ASN B 215 -14.25 12.44 15.89
CA ASN B 215 -14.99 12.00 17.08
C ASN B 215 -16.42 11.53 16.77
N ILE B 216 -16.55 10.58 15.85
CA ILE B 216 -17.87 10.05 15.52
C ILE B 216 -17.91 8.54 15.70
N ILE B 217 -16.99 8.01 16.49
CA ILE B 217 -16.96 6.56 16.71
C ILE B 217 -18.02 6.11 17.72
N THR B 218 -18.85 5.16 17.32
CA THR B 218 -19.87 4.60 18.19
C THR B 218 -19.38 3.19 18.54
N PRO B 219 -19.91 2.58 19.61
CA PRO B 219 -19.49 1.23 20.02
C PRO B 219 -19.70 0.18 18.92
N ASP B 220 -20.78 0.30 18.14
CA ASP B 220 -21.06 -0.68 17.09
C ASP B 220 -20.38 -0.44 15.74
N LEU B 221 -20.04 0.80 15.43
CA LEU B 221 -19.43 1.14 14.14
C LEU B 221 -18.34 0.18 13.69
N PHE B 222 -17.40 -0.14 14.59
CA PHE B 222 -16.31 -1.03 14.23
C PHE B 222 -16.41 -2.45 14.77
N GLU B 223 -17.62 -2.87 15.11
CA GLU B 223 -17.81 -4.21 15.63
C GLU B 223 -17.39 -5.23 14.57
N GLY B 224 -16.46 -6.13 14.92
CA GLY B 224 -16.00 -7.14 13.99
C GLY B 224 -14.89 -6.71 13.05
N THR B 225 -14.62 -5.40 12.98
CA THR B 225 -13.57 -4.88 12.09
C THR B 225 -12.17 -5.38 12.44
N ALA B 226 -11.79 -5.34 13.72
CA ALA B 226 -10.48 -5.83 14.14
C ALA B 226 -10.24 -7.29 13.72
N GLU B 227 -11.26 -8.13 13.88
CA GLU B 227 -11.17 -9.55 13.52
C GLU B 227 -11.06 -9.74 12.01
N TRP B 228 -11.80 -8.93 11.25
CA TRP B 228 -11.74 -9.04 9.81
C TRP B 228 -10.32 -8.65 9.35
N ILE B 229 -9.76 -7.59 9.94
CA ILE B 229 -8.41 -7.16 9.57
C ILE B 229 -7.41 -8.27 9.90
N ALA B 230 -7.53 -8.88 11.07
CA ALA B 230 -6.61 -9.97 11.43
C ALA B 230 -6.68 -11.12 10.42
N ARG B 231 -7.87 -11.39 9.89
CA ARG B 231 -8.03 -12.46 8.88
C ARG B 231 -7.24 -12.12 7.59
N CYS B 232 -6.93 -10.83 7.40
CA CYS B 232 -6.18 -10.38 6.23
C CYS B 232 -4.67 -10.59 6.40
N GLN B 233 -4.21 -10.79 7.64
CA GLN B 233 -2.78 -11.07 7.85
C GLN B 233 -2.59 -12.49 7.32
N ASN B 234 -1.57 -12.71 6.49
CA ASN B 234 -1.38 -14.03 5.90
C ASN B 234 -0.14 -14.77 6.37
N TRP B 235 0.18 -15.88 5.73
CA TRP B 235 1.34 -16.72 6.07
C TRP B 235 2.66 -15.97 6.04
N GLU B 236 2.72 -14.88 5.26
CA GLU B 236 3.93 -14.07 5.15
C GLU B 236 4.18 -13.18 6.37
N GLY B 237 3.11 -12.82 7.08
CA GLY B 237 3.26 -11.96 8.24
C GLY B 237 2.67 -10.59 7.94
N GLY B 238 2.69 -10.20 6.67
CA GLY B 238 2.10 -8.94 6.27
C GLY B 238 0.60 -9.10 6.12
N ILE B 239 -0.07 -8.07 5.59
CA ILE B 239 -1.53 -8.07 5.42
C ILE B 239 -1.91 -7.89 3.94
N GLY B 240 -2.86 -8.68 3.48
CA GLY B 240 -3.33 -8.60 2.10
C GLY B 240 -4.57 -7.73 2.02
N GLY B 241 -5.02 -7.45 0.79
CA GLY B 241 -6.20 -6.59 0.62
C GLY B 241 -7.47 -7.17 1.21
N VAL B 242 -7.59 -8.48 1.15
CA VAL B 242 -8.72 -9.24 1.69
C VAL B 242 -8.13 -10.58 2.17
N PRO B 243 -8.88 -11.33 2.99
CA PRO B 243 -8.37 -12.62 3.48
C PRO B 243 -7.93 -13.53 2.34
N GLY B 244 -6.74 -14.12 2.47
CA GLY B 244 -6.20 -15.01 1.47
C GLY B 244 -5.21 -14.37 0.51
N MET B 245 -5.26 -13.06 0.38
CA MET B 245 -4.40 -12.36 -0.55
C MET B 245 -2.99 -12.07 -0.08
N GLU B 246 -2.10 -11.89 -1.06
CA GLU B 246 -0.67 -11.63 -0.85
C GLU B 246 -0.43 -10.39 0.02
N ALA B 247 0.53 -10.48 0.93
CA ALA B 247 0.88 -9.38 1.80
C ALA B 247 1.45 -8.21 0.99
N HIS B 248 0.97 -7.00 1.26
CA HIS B 248 1.44 -5.84 0.53
C HIS B 248 1.59 -4.68 1.53
N GLY B 249 2.65 -3.89 1.37
CA GLY B 249 2.87 -2.75 2.26
C GLY B 249 1.69 -1.79 2.37
N GLY B 250 1.04 -1.51 1.23
CA GLY B 250 -0.09 -0.60 1.26
C GLY B 250 -1.21 -1.12 2.17
N TYR B 251 -1.57 -2.38 2.01
CA TYR B 251 -2.63 -2.96 2.82
C TYR B 251 -2.19 -3.25 4.24
N THR B 252 -0.91 -3.51 4.44
CA THR B 252 -0.37 -3.75 5.79
C THR B 252 -0.40 -2.45 6.58
N PHE B 253 -0.02 -1.34 5.95
CA PHE B 253 -0.08 -0.05 6.63
C PHE B 253 -1.54 0.19 7.03
N CYS B 254 -2.45 0.08 6.06
CA CYS B 254 -3.86 0.30 6.36
C CYS B 254 -4.36 -0.56 7.52
N GLY B 255 -4.05 -1.85 7.46
CA GLY B 255 -4.50 -2.77 8.49
C GLY B 255 -3.97 -2.45 9.87
N LEU B 256 -2.65 -2.25 9.99
CA LEU B 256 -2.08 -1.97 11.30
C LEU B 256 -2.49 -0.61 11.85
N ALA B 257 -2.51 0.42 11.01
CA ALA B 257 -2.90 1.75 11.46
C ALA B 257 -4.36 1.72 11.94
N ALA B 258 -5.23 1.01 11.23
CA ALA B 258 -6.63 0.91 11.63
C ALA B 258 -6.71 0.25 13.02
N LEU B 259 -5.97 -0.85 13.19
CA LEU B 259 -5.97 -1.56 14.47
C LEU B 259 -5.43 -0.69 15.59
N VAL B 260 -4.45 0.15 15.29
CA VAL B 260 -3.90 1.06 16.30
C VAL B 260 -4.99 2.05 16.74
N ILE B 261 -5.76 2.57 15.79
CA ILE B 261 -6.86 3.49 16.13
C ILE B 261 -7.90 2.77 17.01
N LEU B 262 -8.20 1.53 16.67
CA LEU B 262 -9.17 0.74 17.42
C LEU B 262 -8.60 0.13 18.71
N LYS B 263 -7.30 0.32 18.93
CA LYS B 263 -6.63 -0.23 20.12
C LYS B 263 -6.76 -1.76 20.12
N ARG B 264 -6.62 -2.36 18.94
CA ARG B 264 -6.71 -3.81 18.80
C ARG B 264 -5.51 -4.44 18.06
N GLU B 265 -4.35 -3.80 18.15
CA GLU B 265 -3.13 -4.31 17.48
C GLU B 265 -2.81 -5.75 17.85
N ARG B 266 -3.07 -6.10 19.11
CA ARG B 266 -2.82 -7.45 19.61
C ARG B 266 -3.57 -8.54 18.84
N SER B 267 -4.56 -8.17 18.04
CA SER B 267 -5.27 -9.17 17.27
C SER B 267 -4.35 -9.79 16.22
N LEU B 268 -3.25 -9.11 15.90
CA LEU B 268 -2.31 -9.59 14.90
C LEU B 268 -1.13 -10.32 15.53
N ASN B 269 -0.45 -11.11 14.73
CA ASN B 269 0.77 -11.78 15.16
C ASN B 269 1.79 -10.68 14.84
N LEU B 270 2.15 -9.88 15.85
CA LEU B 270 3.11 -8.78 15.65
C LEU B 270 4.53 -9.25 15.32
N LYS B 271 4.87 -10.44 15.79
CA LYS B 271 6.18 -11.03 15.56
C LYS B 271 6.37 -11.32 14.06
N SER B 272 5.40 -11.97 13.43
CA SER B 272 5.53 -12.28 12.01
C SER B 272 5.37 -11.02 11.14
N LEU B 273 4.62 -10.03 11.64
CA LEU B 273 4.44 -8.78 10.89
C LEU B 273 5.77 -8.02 10.91
N LEU B 274 6.38 -7.92 12.09
CA LEU B 274 7.66 -7.23 12.23
C LEU B 274 8.74 -7.84 11.32
N GLN B 275 8.86 -9.17 11.34
CA GLN B 275 9.85 -9.84 10.51
C GLN B 275 9.58 -9.62 9.01
N TRP B 276 8.29 -9.63 8.64
CA TRP B 276 7.92 -9.41 7.25
C TRP B 276 8.27 -7.99 6.77
N VAL B 277 7.83 -6.96 7.50
CA VAL B 277 8.12 -5.59 7.07
C VAL B 277 9.61 -5.25 6.99
N THR B 278 10.39 -5.66 8.00
CA THR B 278 11.83 -5.39 7.99
C THR B 278 12.49 -6.10 6.79
N SER B 279 11.97 -7.25 6.37
CA SER B 279 12.49 -7.95 5.22
C SER B 279 12.19 -7.23 3.90
N ARG B 280 11.26 -6.28 3.94
CA ARG B 280 10.90 -5.55 2.72
C ARG B 280 11.87 -4.43 2.35
N GLN B 281 12.80 -4.11 3.25
CA GLN B 281 13.82 -3.11 2.95
C GLN B 281 14.87 -3.80 2.06
N MET B 282 15.16 -3.20 0.91
CA MET B 282 16.09 -3.76 -0.06
C MET B 282 17.55 -3.58 0.38
N ARG B 283 18.26 -4.69 0.54
CA ARG B 283 19.65 -4.66 0.99
C ARG B 283 20.54 -3.77 0.13
N PHE B 284 20.31 -3.79 -1.17
CA PHE B 284 21.13 -2.96 -2.04
C PHE B 284 20.62 -1.52 -2.20
N GLU B 285 19.37 -1.37 -2.62
CA GLU B 285 18.79 -0.05 -2.88
C GLU B 285 18.59 0.81 -1.65
N GLY B 286 18.28 0.18 -0.51
CA GLY B 286 18.05 0.95 0.71
C GLY B 286 16.59 1.32 0.92
N GLY B 287 15.82 1.45 -0.17
CA GLY B 287 14.40 1.75 -0.06
C GLY B 287 13.59 0.47 0.20
N PHE B 288 12.26 0.58 0.15
CA PHE B 288 11.39 -0.57 0.39
C PHE B 288 10.62 -1.02 -0.87
N GLN B 289 10.33 -2.32 -0.93
CA GLN B 289 9.53 -2.89 -2.02
C GLN B 289 8.13 -3.04 -1.39
N GLY B 290 7.09 -3.20 -2.21
CA GLY B 290 5.73 -3.33 -1.69
C GLY B 290 5.35 -4.73 -1.28
N ARG B 291 6.00 -5.71 -1.89
CA ARG B 291 5.75 -7.12 -1.59
C ARG B 291 7.00 -7.87 -1.97
N CYS B 292 7.14 -9.07 -1.40
CA CYS B 292 8.33 -9.87 -1.66
C CYS B 292 8.53 -10.14 -3.14
N ASN B 293 9.78 -10.02 -3.56
CA ASN B 293 10.18 -10.26 -4.93
C ASN B 293 9.65 -9.28 -5.97
N LYS B 294 9.28 -8.10 -5.51
CA LYS B 294 8.88 -7.04 -6.44
C LYS B 294 9.91 -5.92 -6.28
N LEU B 295 9.74 -4.81 -6.99
CA LEU B 295 10.74 -3.73 -6.98
C LEU B 295 10.66 -2.63 -5.94
N VAL B 296 11.82 -2.02 -5.67
CA VAL B 296 11.90 -0.91 -4.73
C VAL B 296 11.05 0.23 -5.28
N ASP B 297 10.53 1.09 -4.40
CA ASP B 297 9.71 2.21 -4.86
C ASP B 297 9.65 3.21 -3.73
N GLY B 298 9.95 4.46 -4.03
CA GLY B 298 9.94 5.52 -3.03
C GLY B 298 8.68 5.71 -2.20
N CYS B 299 7.50 5.42 -2.73
CA CYS B 299 6.28 5.61 -1.94
C CYS B 299 6.22 4.62 -0.77
N TYR B 300 6.89 3.46 -0.90
CA TYR B 300 6.91 2.49 0.20
C TYR B 300 7.78 2.97 1.37
N SER B 301 8.47 4.09 1.16
CA SER B 301 9.26 4.69 2.23
C SER B 301 8.23 5.04 3.33
N PHE B 302 6.99 5.33 2.92
CA PHE B 302 5.96 5.59 3.91
C PHE B 302 5.16 4.33 4.29
N TRP B 303 4.53 3.72 3.30
CA TRP B 303 3.68 2.56 3.57
C TRP B 303 4.38 1.47 4.36
N GLN B 304 5.64 1.18 4.03
CA GLN B 304 6.37 0.12 4.74
C GLN B 304 7.08 0.65 5.97
N ALA B 305 7.95 1.63 5.79
CA ALA B 305 8.71 2.16 6.92
C ALA B 305 7.82 2.70 8.03
N GLY B 306 6.67 3.27 7.63
CA GLY B 306 5.71 3.80 8.58
C GLY B 306 5.18 2.72 9.53
N LEU B 307 5.27 1.45 9.12
CA LEU B 307 4.84 0.37 10.00
C LEU B 307 5.76 0.23 11.22
N LEU B 308 7.03 0.64 11.11
CA LEU B 308 7.94 0.50 12.25
C LEU B 308 7.54 1.37 13.46
N PRO B 309 7.16 2.65 13.25
CA PRO B 309 6.77 3.45 14.41
C PRO B 309 5.49 2.85 15.02
N LEU B 310 4.62 2.29 14.18
CA LEU B 310 3.38 1.65 14.66
C LEU B 310 3.68 0.40 15.48
N LEU B 311 4.58 -0.44 15.00
CA LEU B 311 4.98 -1.65 15.72
C LEU B 311 5.67 -1.27 17.03
N HIS B 312 6.53 -0.26 16.99
CA HIS B 312 7.21 0.21 18.20
C HIS B 312 6.19 0.58 19.29
N ARG B 313 5.22 1.41 18.93
CA ARG B 313 4.15 1.85 19.83
C ARG B 313 3.41 0.64 20.40
N ALA B 314 3.07 -0.31 19.53
CA ALA B 314 2.36 -1.52 19.91
C ALA B 314 3.13 -2.39 20.91
N LEU B 315 4.40 -2.66 20.60
CA LEU B 315 5.24 -3.48 21.47
C LEU B 315 5.52 -2.78 22.79
N HIS B 316 5.69 -1.46 22.73
CA HIS B 316 5.95 -0.65 23.90
C HIS B 316 4.76 -0.70 24.86
N ALA B 317 3.55 -0.72 24.30
CA ALA B 317 2.31 -0.78 25.07
C ALA B 317 2.29 -2.10 25.84
N GLN B 318 2.83 -3.15 25.26
CA GLN B 318 2.90 -4.46 25.90
C GLN B 318 4.10 -4.57 26.85
N GLY B 319 4.87 -3.49 26.99
CA GLY B 319 6.02 -3.49 27.88
C GLY B 319 7.19 -4.34 27.41
N ASP B 320 7.48 -4.30 26.11
CA ASP B 320 8.60 -5.04 25.55
C ASP B 320 9.88 -4.41 26.10
N PRO B 321 10.67 -5.15 26.91
CA PRO B 321 11.90 -4.62 27.49
C PRO B 321 13.10 -4.52 26.53
N ALA B 322 12.99 -5.09 25.33
CA ALA B 322 14.09 -5.08 24.37
C ALA B 322 14.00 -4.02 23.30
N LEU B 323 12.95 -3.20 23.32
CA LEU B 323 12.80 -2.18 22.30
C LEU B 323 13.87 -1.10 22.40
N SER B 324 14.30 -0.60 21.25
CA SER B 324 15.30 0.47 21.21
C SER B 324 14.70 1.75 21.76
N MET B 325 15.54 2.60 22.32
CA MET B 325 15.10 3.88 22.84
C MET B 325 15.65 5.00 21.96
N SER B 326 16.14 4.66 20.78
CA SER B 326 16.69 5.69 19.90
C SER B 326 16.50 5.47 18.39
N HIS B 327 16.15 4.26 17.97
CA HIS B 327 15.97 3.96 16.54
C HIS B 327 14.76 3.10 16.21
N TRP B 328 14.24 3.27 14.99
CA TRP B 328 13.13 2.46 14.49
C TRP B 328 13.84 1.19 14.02
N MET B 329 13.10 0.09 13.90
CA MET B 329 13.70 -1.16 13.51
C MET B 329 13.85 -1.38 12.01
N PHE B 330 14.42 -0.37 11.34
CA PHE B 330 14.73 -0.46 9.91
C PHE B 330 15.99 0.40 9.76
N HIS B 331 16.63 0.33 8.60
CA HIS B 331 17.85 1.12 8.39
C HIS B 331 17.46 2.53 7.99
N GLN B 332 17.39 3.40 9.00
CA GLN B 332 17.01 4.78 8.79
C GLN B 332 17.92 5.53 7.81
N GLN B 333 19.23 5.30 7.95
CA GLN B 333 20.17 5.97 7.07
C GLN B 333 20.03 5.51 5.62
N ALA B 334 19.95 4.21 5.40
CA ALA B 334 19.84 3.70 4.04
C ALA B 334 18.56 4.20 3.35
N LEU B 335 17.46 4.27 4.10
CA LEU B 335 16.23 4.76 3.48
C LEU B 335 16.41 6.21 3.05
N GLN B 336 17.05 7.02 3.91
CA GLN B 336 17.29 8.43 3.56
C GLN B 336 18.19 8.54 2.33
N GLU B 337 19.15 7.63 2.21
CA GLU B 337 20.06 7.63 1.06
C GLU B 337 19.32 7.33 -0.23
N TYR B 338 18.45 6.32 -0.18
CA TYR B 338 17.68 5.98 -1.36
C TYR B 338 16.78 7.14 -1.78
N ILE B 339 16.06 7.76 -0.83
CA ILE B 339 15.17 8.86 -1.18
C ILE B 339 15.93 10.07 -1.72
N LEU B 340 16.95 10.52 -0.99
CA LEU B 340 17.71 11.70 -1.40
C LEU B 340 18.49 11.53 -2.69
N MET B 341 19.13 10.38 -2.88
CA MET B 341 19.91 10.16 -4.08
C MET B 341 19.15 9.65 -5.28
N CYS B 342 18.11 8.85 -5.06
CA CYS B 342 17.38 8.25 -6.18
C CYS B 342 15.96 8.71 -6.46
N CYS B 343 15.33 9.37 -5.50
CA CYS B 343 13.92 9.75 -5.70
C CYS B 343 13.59 11.21 -5.93
N GLN B 344 14.58 12.06 -6.14
CA GLN B 344 14.27 13.46 -6.37
C GLN B 344 14.36 13.80 -7.83
N CYS B 345 13.36 14.53 -8.33
CA CYS B 345 13.38 14.97 -9.70
C CYS B 345 14.13 16.30 -9.65
N PRO B 346 15.17 16.47 -10.50
CA PRO B 346 15.93 17.72 -10.52
C PRO B 346 15.06 18.95 -10.73
N ALA B 347 13.91 18.78 -11.39
CA ALA B 347 12.97 19.88 -11.65
C ALA B 347 11.99 20.14 -10.49
N GLY B 348 12.07 19.35 -9.42
CA GLY B 348 11.14 19.50 -8.30
C GLY B 348 10.23 18.28 -8.32
N GLY B 349 9.75 17.86 -7.15
CA GLY B 349 8.91 16.68 -7.08
C GLY B 349 9.74 15.43 -6.81
N LEU B 350 9.11 14.40 -6.27
CA LEU B 350 9.80 13.16 -5.99
C LEU B 350 9.17 12.01 -6.77
N LEU B 351 9.83 10.87 -6.76
CA LEU B 351 9.36 9.76 -7.56
C LEU B 351 9.61 8.34 -7.05
N ASP B 352 9.08 7.40 -7.80
CA ASP B 352 9.17 5.96 -7.53
C ASP B 352 10.64 5.50 -7.51
N LYS B 353 11.30 5.61 -8.65
CA LYS B 353 12.70 5.21 -8.78
C LYS B 353 13.26 5.96 -9.99
N PRO B 354 14.59 6.00 -10.14
CA PRO B 354 15.21 6.70 -11.28
C PRO B 354 14.61 6.22 -12.60
N GLY B 355 14.26 7.16 -13.47
CA GLY B 355 13.68 6.77 -14.74
C GLY B 355 12.19 7.02 -14.78
N LYS B 356 11.57 7.09 -13.62
CA LYS B 356 10.14 7.36 -13.54
C LYS B 356 9.93 8.87 -13.49
N SER B 357 8.72 9.32 -13.77
CA SER B 357 8.44 10.73 -13.72
C SER B 357 7.81 11.10 -12.39
N ARG B 358 8.02 12.35 -11.99
CA ARG B 358 7.48 12.84 -10.74
C ARG B 358 5.94 12.89 -10.75
N ASP B 359 5.34 12.81 -9.58
CA ASP B 359 3.91 12.94 -9.45
C ASP B 359 3.66 13.33 -8.01
N PHE B 360 2.49 13.88 -7.72
CA PHE B 360 2.19 14.32 -6.37
C PHE B 360 2.08 13.21 -5.35
N TYR B 361 1.61 12.04 -5.79
CA TYR B 361 1.49 10.89 -4.90
C TYR B 361 2.89 10.50 -4.34
N HIS B 362 3.88 10.37 -5.24
CA HIS B 362 5.24 10.00 -4.80
C HIS B 362 5.91 11.13 -4.03
N THR B 363 5.57 12.38 -4.36
CA THR B 363 6.14 13.51 -3.65
C THR B 363 5.68 13.43 -2.19
N CYS B 364 4.39 13.16 -2.00
CA CYS B 364 3.84 13.06 -0.66
C CYS B 364 4.48 11.94 0.15
N TYR B 365 4.48 10.73 -0.41
CA TYR B 365 4.99 9.58 0.33
C TYR B 365 6.49 9.44 0.49
N CYS B 366 7.26 9.95 -0.48
CA CYS B 366 8.72 9.92 -0.35
C CYS B 366 9.09 10.87 0.79
N LEU B 367 8.44 12.04 0.84
CA LEU B 367 8.73 13.01 1.90
C LEU B 367 8.23 12.48 3.25
N SER B 368 7.05 11.87 3.26
CA SER B 368 6.52 11.32 4.51
C SER B 368 7.50 10.27 5.06
N GLY B 369 8.01 9.41 4.19
CA GLY B 369 8.95 8.39 4.61
C GLY B 369 10.27 8.97 5.08
N LEU B 370 10.75 9.99 4.38
CA LEU B 370 11.99 10.67 4.76
C LEU B 370 11.86 11.21 6.19
N SER B 371 10.72 11.82 6.51
CA SER B 371 10.46 12.37 7.84
C SER B 371 10.46 11.26 8.91
N ILE B 372 9.85 10.13 8.62
CA ILE B 372 9.83 9.02 9.58
C ILE B 372 11.28 8.51 9.81
N ALA B 373 12.05 8.41 8.74
CA ALA B 373 13.43 7.93 8.82
C ALA B 373 14.32 8.90 9.60
N GLN B 374 13.97 10.18 9.57
CA GLN B 374 14.75 11.21 10.29
C GLN B 374 14.42 11.33 11.77
N HIS B 375 13.18 11.02 12.13
CA HIS B 375 12.73 11.22 13.50
C HIS B 375 12.23 10.04 14.31
N PHE B 376 12.89 9.79 15.45
CA PHE B 376 12.45 8.73 16.35
C PHE B 376 11.94 9.43 17.60
N GLY B 377 10.83 8.94 18.13
CA GLY B 377 10.27 9.50 19.34
C GLY B 377 9.47 8.40 20.03
N SER B 378 9.67 8.22 21.32
CA SER B 378 8.99 7.18 22.09
C SER B 378 9.02 7.64 23.55
N GLY B 379 7.86 7.98 24.10
CA GLY B 379 7.81 8.44 25.46
C GLY B 379 8.45 9.82 25.45
N ALA B 380 9.43 10.02 26.31
CA ALA B 380 10.12 11.32 26.36
C ALA B 380 11.39 11.27 25.50
N MET B 381 11.70 10.08 24.98
CA MET B 381 12.87 9.86 24.14
C MET B 381 12.70 10.40 22.74
N LEU B 382 13.61 11.25 22.31
CA LEU B 382 13.59 11.81 20.97
C LEU B 382 15.01 11.68 20.42
N HIS B 383 15.14 11.12 19.23
CA HIS B 383 16.47 10.98 18.63
C HIS B 383 16.39 11.17 17.12
N ASP B 384 17.00 12.23 16.63
CA ASP B 384 16.99 12.55 15.21
C ASP B 384 18.24 12.10 14.46
N VAL B 385 18.04 11.69 13.21
CA VAL B 385 19.13 11.25 12.34
C VAL B 385 18.85 11.94 11.02
N VAL B 386 19.30 13.19 10.86
CA VAL B 386 19.07 13.92 9.62
C VAL B 386 20.32 13.82 8.73
N LEU B 387 20.25 12.95 7.73
CA LEU B 387 21.37 12.76 6.82
C LEU B 387 21.50 13.99 5.91
N GLY B 388 22.73 14.37 5.60
CA GLY B 388 22.97 15.51 4.72
C GLY B 388 23.03 16.86 5.40
N VAL B 389 22.79 17.92 4.64
CA VAL B 389 22.81 19.26 5.20
C VAL B 389 21.67 19.34 6.22
N PRO B 390 21.88 20.08 7.32
CA PRO B 390 20.88 20.24 8.39
C PRO B 390 19.49 20.68 7.91
N GLU B 391 19.46 21.45 6.82
CA GLU B 391 18.18 21.95 6.28
C GLU B 391 17.31 20.83 5.72
N ASN B 392 17.85 19.62 5.62
CA ASN B 392 17.07 18.49 5.11
C ASN B 392 15.97 18.08 6.08
N ALA B 393 16.13 18.42 7.35
CA ALA B 393 15.17 18.04 8.40
C ALA B 393 13.76 18.49 8.07
N LEU B 394 12.85 17.52 7.99
CA LEU B 394 11.45 17.81 7.70
C LEU B 394 10.64 17.89 8.99
N GLN B 395 9.43 18.40 8.88
CA GLN B 395 8.54 18.45 10.03
C GLN B 395 8.10 17.01 10.28
N PRO B 396 7.87 16.64 11.54
CA PRO B 396 7.44 15.26 11.82
C PRO B 396 6.04 14.93 11.28
N THR B 397 5.76 13.66 11.10
CA THR B 397 4.45 13.24 10.61
C THR B 397 3.91 12.20 11.60
N HIS B 398 2.60 12.17 11.79
CA HIS B 398 1.99 11.19 12.70
C HIS B 398 1.94 9.87 11.91
N PRO B 399 2.46 8.76 12.49
CA PRO B 399 2.46 7.47 11.78
C PRO B 399 1.12 6.82 11.46
N VAL B 400 0.08 7.19 12.21
CA VAL B 400 -1.26 6.64 11.95
C VAL B 400 -1.99 7.42 10.85
N TYR B 401 -2.05 8.73 11.00
CA TYR B 401 -2.79 9.58 10.06
C TYR B 401 -2.03 10.18 8.89
N ASN B 402 -0.71 10.22 9.03
CA ASN B 402 0.18 10.83 8.05
C ASN B 402 -0.13 12.31 7.80
N ILE B 403 -0.33 13.03 8.89
CA ILE B 403 -0.48 14.50 8.88
C ILE B 403 0.34 14.87 10.13
N GLY B 404 0.73 16.14 10.27
CA GLY B 404 1.51 16.53 11.42
C GLY B 404 0.90 16.15 12.76
N PRO B 405 1.71 15.72 13.74
CA PRO B 405 1.21 15.33 15.07
C PRO B 405 0.46 16.51 15.71
N ASP B 406 0.94 17.73 15.45
CA ASP B 406 0.29 18.93 15.98
C ASP B 406 -1.12 19.04 15.40
N LYS B 407 -1.26 18.74 14.10
CA LYS B 407 -2.56 18.80 13.41
C LYS B 407 -3.50 17.75 13.98
N VAL B 408 -2.98 16.56 14.28
CA VAL B 408 -3.78 15.48 14.86
C VAL B 408 -4.32 15.91 16.23
N ILE B 409 -3.46 16.43 17.10
CA ILE B 409 -3.87 16.85 18.43
C ILE B 409 -4.90 17.96 18.39
N GLN B 410 -4.65 18.94 17.53
CA GLN B 410 -5.54 20.08 17.39
C GLN B 410 -6.91 19.64 16.87
N ALA B 411 -6.94 18.81 15.84
CA ALA B 411 -8.19 18.33 15.29
C ALA B 411 -8.97 17.48 16.30
N THR B 412 -8.31 16.49 16.90
CA THR B 412 -9.01 15.63 17.87
C THR B 412 -9.52 16.43 19.05
N THR B 413 -8.73 17.39 19.52
CA THR B 413 -9.14 18.24 20.63
C THR B 413 -10.41 19.00 20.25
N TYR B 414 -10.42 19.59 19.06
CA TYR B 414 -11.55 20.35 18.58
C TYR B 414 -12.83 19.50 18.48
N PHE B 415 -12.73 18.36 17.81
CA PHE B 415 -13.91 17.51 17.62
C PHE B 415 -14.36 16.79 18.89
N LEU B 416 -13.46 16.56 19.84
CA LEU B 416 -13.82 15.90 21.09
C LEU B 416 -14.79 16.77 21.87
N GLN B 417 -14.84 18.05 21.52
CA GLN B 417 -15.75 18.99 22.17
C GLN B 417 -17.17 18.93 21.62
N LYS B 418 -17.35 18.13 20.58
CA LYS B 418 -18.66 17.97 19.97
C LYS B 418 -19.14 16.57 20.34
N PRO B 419 -20.46 16.37 20.37
CA PRO B 419 -20.95 15.03 20.72
C PRO B 419 -20.90 14.10 19.50
N VAL B 420 -20.89 12.80 19.75
CA VAL B 420 -20.94 11.80 18.67
C VAL B 420 -22.37 11.99 18.15
N PRO B 421 -22.53 12.23 16.84
CA PRO B 421 -23.85 12.44 16.23
C PRO B 421 -25.02 11.53 16.62
N GLY B 422 -25.99 12.09 17.33
CA GLY B 422 -27.17 11.35 17.72
C GLY B 422 -26.90 10.19 18.66
N PHE B 423 -25.77 10.25 19.33
CA PHE B 423 -25.39 9.18 20.22
C PHE B 423 -24.86 9.66 21.55
N GLU B 424 -25.28 8.98 22.61
CA GLU B 424 -24.84 9.30 23.97
C GLU B 424 -24.44 7.97 24.63
C1 GLC C . -2.51 -16.03 9.02
C2 GLC C . -3.74 -16.27 8.13
C3 GLC C . -4.19 -17.83 8.38
C4 GLC C . -3.03 -18.76 7.98
C5 GLC C . -1.73 -18.37 8.78
C6 GLC C . -0.45 -19.09 8.32
O2 GLC C . -4.83 -15.41 8.51
O3 GLC C . -5.32 -18.05 7.51
O4 GLC C . -3.46 -20.09 8.25
O5 GLC C . -1.46 -16.94 8.65
O6 GLC C . 0.56 -18.93 9.31
C1 FRU C . -3.49 -14.11 11.48
C2 FRU C . -2.41 -15.26 11.38
C3 FRU C . -1.96 -15.93 12.68
C4 FRU C . -0.55 -16.40 12.30
C5 FRU C . -0.02 -15.22 11.45
C6 FRU C . 1.04 -15.57 10.38
O1 FRU C . -3.17 -13.08 12.40
O2 FRU C . -2.84 -16.22 10.40
O3 FRU C . -2.78 -17.05 13.05
O4 FRU C . 0.25 -16.72 13.43
O5 FRU C . -1.21 -14.65 10.83
O6 FRU C . 1.64 -14.37 9.91
ZN ZN D . 5.08 4.08 -5.83
C1 FPP E . -0.17 -3.22 -6.21
O1 FPP E . 0.14 -2.31 -7.27
C2 FPP E . -0.70 -2.49 -5.00
C3 FPP E . -2.03 -2.39 -4.69
C4 FPP E . -3.12 -3.01 -5.53
C5 FPP E . -2.55 -1.65 -3.46
C6 FPP E . -1.53 -0.74 -2.74
C7 FPP E . -2.16 0.03 -1.61
C8 FPP E . -1.62 1.14 -1.05
C10 FPP E . -0.30 1.73 -1.49
C9 FPP E . -2.26 1.90 0.08
C11 FPP E . -3.49 2.71 -0.27
C12 FPP E . -4.02 3.39 0.96
C13 FPP E . -5.11 4.17 0.97
C14 FPP E . -5.94 4.44 -0.25
C15 FPP E . -5.61 4.83 2.22
PA FPP E . 1.44 -2.58 -8.14
O1A FPP E . 1.52 -3.97 -8.68
O2A FPP E . 1.40 -1.53 -9.25
O3A FPP E . 2.69 -2.23 -7.23
PB FPP E . 3.88 -3.15 -6.69
O1B FPP E . 4.65 -3.79 -7.79
O2B FPP E . 3.23 -4.19 -5.77
O3B FPP E . 4.73 -2.18 -5.84
N1 778 F . -0.65 4.03 -8.02
C2 778 F . -0.34 5.45 -7.93
C3 778 F . 0.29 3.10 -8.64
C4 778 F . -1.96 3.73 -8.61
C5 778 F . -1.35 5.88 -6.85
C7 778 F . 1.54 2.99 -7.76
C8 778 F . -3.09 4.43 -7.79
N9 778 F . -2.75 5.48 -6.93
N11 778 F . 1.68 2.01 -6.82
C12 778 F . 2.60 3.81 -7.77
O13 778 F . -4.24 4.05 -7.92
C14 778 F . -3.67 6.16 -6.16
C16 778 F . 0.75 0.91 -6.48
C17 778 F . 2.84 2.17 -6.20
N18 778 F . 3.47 3.28 -6.76
C20 778 F . -3.39 6.15 -4.81
C21 778 F . -4.83 6.86 -6.65
C25 778 F . -0.57 1.38 -5.86
C26 778 F . -4.21 6.80 -3.88
C27 778 F . -5.67 7.51 -5.72
C28 778 F . -1.80 0.80 -6.26
C29 778 F . -0.59 2.36 -4.87
C30 778 F . -5.36 7.49 -4.34
CL31 778 F . -3.76 6.74 -2.22
C32 778 F . -3.02 1.22 -5.68
C33 778 F . -1.79 2.78 -4.29
C34 778 F . -3.03 2.20 -4.71
C35 778 F . -4.16 2.59 -4.15
N36 778 F . -5.17 2.92 -3.66
#